data_3K3E
#
_entry.id   3K3E
#
_cell.length_a   103.190
_cell.length_b   103.190
_cell.length_c   270.849
_cell.angle_alpha   90.00
_cell.angle_beta   90.00
_cell.angle_gamma   90.00
#
_symmetry.space_group_name_H-M   'P 41 21 2'
#
loop_
_entity.id
_entity.type
_entity.pdbx_description
1 polymer "High affinity cGMP-specific 3',5'-cyclic phosphodiesterase 9A"
2 non-polymer 'ZINC ION'
3 non-polymer 'MAGNESIUM ION'
4 non-polymer 1-(2-chlorophenyl)-6-[(2R)-3,3,3-trifluoro-2-methylpropyl]-1,7-dihydro-4H-pyrazolo[3,4-d]pyrimidin-4-one
5 water water
#
_entity_poly.entity_id   1
_entity_poly.type   'polypeptide(L)'
_entity_poly.pdbx_seq_one_letter_code
;PTYPKYLLSPETIEALRKPTFDVWLWEPNEMLSCLEHMYHDLGLVRDFSINPVTLRRWLFCVHDNYRNNPFHNFRHCFCV
AQMMYSMVWLCSLQEKFSQTDILILMTAAICHDLDHPGYNNTYQINARTELAVRYNDISPLENHHCAVAFQILAEPECNI
FSNIPPDGFKQIRQGMITLILATDMARHAEIMDSFKEKMENFDYSNEEHMTLLKMILIKCCDISNEVRPMEVAEPWVDCL
LEEYFMQSDREKSEGLPVAPFMDRDKVTKATAQIGFIKFVLIPMFETVTKLFPMVEEIMLQPLWESRDRYEELKRIDDAM
KELQKK
;
_entity_poly.pdbx_strand_id   A,B
#
# COMPACT_ATOMS: atom_id res chain seq x y z
N LEU A 7 -5.11 -37.48 17.14
CA LEU A 7 -4.40 -37.08 18.40
C LEU A 7 -2.90 -36.96 18.16
N LEU A 8 -2.21 -36.29 19.08
CA LEU A 8 -0.77 -36.11 18.98
C LEU A 8 -0.08 -36.79 20.16
N SER A 9 0.93 -37.60 19.89
CA SER A 9 1.66 -38.30 20.94
C SER A 9 2.58 -37.33 21.67
N PRO A 10 2.84 -37.60 22.95
CA PRO A 10 3.73 -36.70 23.70
C PRO A 10 5.11 -36.56 23.04
N GLU A 11 5.40 -37.47 22.12
CA GLU A 11 6.67 -37.44 21.39
C GLU A 11 6.59 -36.31 20.38
N THR A 12 5.54 -36.37 19.55
CA THR A 12 5.29 -35.37 18.53
C THR A 12 5.23 -33.99 19.17
N ILE A 13 4.40 -33.85 20.20
CA ILE A 13 4.25 -32.59 20.88
C ILE A 13 5.58 -32.09 21.42
N GLU A 14 6.47 -33.03 21.69
CA GLU A 14 7.80 -32.71 22.21
C GLU A 14 8.70 -32.18 21.11
N ALA A 15 8.68 -32.86 19.97
CA ALA A 15 9.49 -32.49 18.82
C ALA A 15 9.03 -31.19 18.19
N LEU A 16 7.76 -30.86 18.41
CA LEU A 16 7.17 -29.65 17.84
C LEU A 16 7.90 -28.38 18.27
N ARG A 17 8.80 -28.50 19.25
CA ARG A 17 9.55 -27.34 19.74
C ARG A 17 10.89 -27.17 19.02
N LYS A 18 11.34 -28.21 18.34
CA LYS A 18 12.61 -28.18 17.63
C LYS A 18 12.46 -27.89 16.14
N PRO A 19 13.48 -27.28 15.54
CA PRO A 19 13.47 -26.94 14.11
C PRO A 19 13.85 -28.17 13.27
N THR A 20 13.91 -29.31 13.94
CA THR A 20 14.23 -30.57 13.28
C THR A 20 12.94 -31.31 12.98
N PHE A 21 11.82 -30.76 13.45
CA PHE A 21 10.52 -31.38 13.22
C PHE A 21 10.34 -31.71 11.74
N ASP A 22 9.87 -32.92 11.46
CA ASP A 22 9.65 -33.38 10.10
C ASP A 22 8.26 -32.96 9.64
N VAL A 23 8.19 -31.82 8.96
CA VAL A 23 6.90 -31.28 8.49
C VAL A 23 6.22 -32.11 7.41
N TRP A 24 6.91 -33.10 6.87
CA TRP A 24 6.32 -33.93 5.82
C TRP A 24 5.53 -35.12 6.34
N LEU A 25 5.85 -35.59 7.54
CA LEU A 25 5.16 -36.74 8.11
C LEU A 25 3.69 -36.57 8.38
N TRP A 26 3.16 -35.36 8.25
CA TRP A 26 1.76 -35.16 8.60
C TRP A 26 0.76 -34.76 7.55
N GLU A 27 -0.50 -34.98 7.89
CA GLU A 27 -1.64 -34.65 7.05
C GLU A 27 -2.27 -33.40 7.62
N PRO A 28 -2.97 -32.63 6.77
CA PRO A 28 -3.63 -31.39 7.19
C PRO A 28 -4.23 -31.45 8.59
N ASN A 29 -5.02 -32.48 8.84
CA ASN A 29 -5.69 -32.65 10.13
C ASN A 29 -4.70 -32.67 11.29
N GLU A 30 -3.58 -33.36 11.11
CA GLU A 30 -2.59 -33.47 12.18
C GLU A 30 -1.82 -32.17 12.35
N MET A 31 -1.75 -31.38 11.27
CA MET A 31 -1.06 -30.11 11.35
C MET A 31 -1.98 -29.13 12.05
N LEU A 32 -3.27 -29.20 11.73
CA LEU A 32 -4.22 -28.31 12.39
C LEU A 32 -4.18 -28.50 13.87
N SER A 33 -3.98 -29.74 14.31
CA SER A 33 -3.91 -30.03 15.73
C SER A 33 -2.66 -29.44 16.36
N CYS A 34 -1.53 -29.54 15.65
CA CYS A 34 -0.28 -28.98 16.15
C CYS A 34 -0.40 -27.47 16.29
N LEU A 35 -0.96 -26.81 15.27
CA LEU A 35 -1.15 -25.37 15.32
C LEU A 35 -1.99 -25.07 16.54
N GLU A 36 -3.06 -25.83 16.71
CA GLU A 36 -3.93 -25.64 17.86
C GLU A 36 -3.15 -25.81 19.16
N HIS A 37 -2.34 -26.86 19.26
CA HIS A 37 -1.56 -27.07 20.47
C HIS A 37 -0.72 -25.84 20.78
N MET A 38 -0.10 -25.28 19.75
CA MET A 38 0.76 -24.11 19.91
C MET A 38 0.06 -22.93 20.56
N TYR A 39 -1.19 -22.68 20.18
CA TYR A 39 -1.90 -21.54 20.78
C TYR A 39 -2.16 -21.76 22.27
N HIS A 40 -2.50 -22.99 22.63
CA HIS A 40 -2.74 -23.30 24.04
C HIS A 40 -1.42 -23.21 24.79
N ASP A 41 -0.44 -24.02 24.38
CA ASP A 41 0.86 -24.05 25.04
C ASP A 41 1.55 -22.69 25.22
N LEU A 42 1.25 -21.73 24.36
CA LEU A 42 1.89 -20.42 24.46
C LEU A 42 1.17 -19.49 25.43
N GLY A 43 0.00 -19.94 25.89
CA GLY A 43 -0.79 -19.15 26.81
C GLY A 43 -1.60 -18.10 26.09
N LEU A 44 -1.77 -18.27 24.78
CA LEU A 44 -2.52 -17.32 23.99
C LEU A 44 -4.01 -17.51 24.16
N VAL A 45 -4.47 -18.77 24.14
CA VAL A 45 -5.89 -19.06 24.32
C VAL A 45 -6.32 -18.48 25.65
N ARG A 46 -5.44 -18.63 26.63
CA ARG A 46 -5.66 -18.17 27.99
C ARG A 46 -5.65 -16.66 28.19
N ASP A 47 -4.63 -15.99 27.66
CA ASP A 47 -4.51 -14.55 27.83
C ASP A 47 -5.35 -13.69 26.91
N PHE A 48 -6.04 -14.33 25.96
CA PHE A 48 -6.87 -13.57 25.04
C PHE A 48 -8.27 -14.12 25.05
N SER A 49 -8.51 -15.06 25.95
CA SER A 49 -9.81 -15.66 26.11
C SER A 49 -10.32 -16.15 24.77
N ILE A 50 -9.47 -16.89 24.08
CA ILE A 50 -9.84 -17.42 22.78
C ILE A 50 -10.77 -18.63 22.97
N ASN A 51 -11.97 -18.53 22.44
CA ASN A 51 -12.91 -19.65 22.53
C ASN A 51 -12.22 -20.85 21.85
N PRO A 52 -11.84 -21.87 22.64
CA PRO A 52 -11.18 -23.06 22.13
C PRO A 52 -11.85 -23.70 20.94
N VAL A 53 -13.17 -23.51 20.81
CA VAL A 53 -13.88 -24.09 19.66
C VAL A 53 -13.59 -23.22 18.44
N THR A 54 -13.69 -21.91 18.64
CA THR A 54 -13.45 -20.96 17.56
C THR A 54 -12.04 -21.18 17.01
N LEU A 55 -11.08 -21.30 17.92
CA LEU A 55 -9.68 -21.51 17.55
C LEU A 55 -9.54 -22.61 16.49
N ARG A 56 -10.16 -23.76 16.75
CA ARG A 56 -10.09 -24.88 15.81
C ARG A 56 -10.90 -24.62 14.54
N ARG A 57 -11.98 -23.85 14.65
CA ARG A 57 -12.76 -23.57 13.46
C ARG A 57 -12.00 -22.57 12.58
N TRP A 58 -11.31 -21.63 13.21
CA TRP A 58 -10.52 -20.63 12.50
C TRP A 58 -9.44 -21.34 11.68
N LEU A 59 -8.71 -22.23 12.35
CA LEU A 59 -7.64 -22.99 11.70
C LEU A 59 -8.18 -23.74 10.48
N PHE A 60 -9.43 -24.19 10.57
CA PHE A 60 -10.01 -24.89 9.43
C PHE A 60 -10.30 -23.92 8.31
N CYS A 61 -10.80 -22.74 8.65
CA CYS A 61 -11.11 -21.77 7.61
C CYS A 61 -9.81 -21.26 6.99
N VAL A 62 -8.76 -21.13 7.80
CA VAL A 62 -7.48 -20.69 7.29
C VAL A 62 -7.03 -21.72 6.24
N HIS A 63 -7.04 -22.99 6.65
CA HIS A 63 -6.65 -24.08 5.77
C HIS A 63 -7.48 -24.08 4.50
N ASP A 64 -8.78 -23.97 4.66
CA ASP A 64 -9.66 -23.94 3.52
C ASP A 64 -9.24 -22.86 2.51
N ASN A 65 -8.70 -21.77 3.02
CA ASN A 65 -8.29 -20.65 2.19
C ASN A 65 -6.89 -20.68 1.61
N TYR A 66 -6.16 -21.75 1.86
CA TYR A 66 -4.83 -21.86 1.28
C TYR A 66 -5.02 -22.64 -0.01
N ARG A 67 -4.24 -22.29 -1.03
CA ARG A 67 -4.37 -22.99 -2.30
C ARG A 67 -3.46 -24.19 -2.41
N ASN A 68 -3.87 -25.16 -3.22
CA ASN A 68 -3.10 -26.38 -3.42
C ASN A 68 -1.93 -26.15 -4.37
N ASN A 69 -0.99 -25.27 -4.03
CA ASN A 69 0.18 -25.02 -4.87
C ASN A 69 1.29 -25.96 -4.51
N PRO A 70 2.32 -26.05 -5.35
CA PRO A 70 3.43 -26.96 -5.03
C PRO A 70 4.24 -26.52 -3.80
N PHE A 71 4.36 -25.20 -3.61
CA PHE A 71 5.12 -24.65 -2.49
C PHE A 71 4.28 -23.76 -1.58
N HIS A 72 3.68 -22.71 -2.15
CA HIS A 72 2.88 -21.80 -1.35
C HIS A 72 1.52 -22.36 -0.99
N ASN A 73 1.57 -23.31 -0.07
CA ASN A 73 0.39 -24.03 0.39
C ASN A 73 0.36 -24.10 1.91
N PHE A 74 -0.66 -24.74 2.43
CA PHE A 74 -0.86 -24.88 3.86
C PHE A 74 0.27 -25.56 4.64
N ARG A 75 1.01 -26.47 4.00
CA ARG A 75 2.11 -27.12 4.72
C ARG A 75 3.23 -26.09 4.97
N HIS A 76 3.38 -25.17 4.03
CA HIS A 76 4.37 -24.11 4.13
C HIS A 76 3.97 -23.23 5.31
N CYS A 77 2.69 -22.89 5.33
CA CYS A 77 2.07 -22.10 6.38
C CYS A 77 2.46 -22.69 7.73
N PHE A 78 2.12 -23.96 7.91
CA PHE A 78 2.42 -24.70 9.13
C PHE A 78 3.92 -24.68 9.43
N CYS A 79 4.71 -24.80 8.37
CA CYS A 79 6.16 -24.79 8.45
C CYS A 79 6.68 -23.53 9.10
N VAL A 80 6.21 -22.39 8.60
CA VAL A 80 6.60 -21.08 9.09
C VAL A 80 6.15 -20.89 10.55
N ALA A 81 4.91 -21.30 10.82
CA ALA A 81 4.35 -21.18 12.16
C ALA A 81 5.11 -22.06 13.15
N GLN A 82 5.44 -23.27 12.72
CA GLN A 82 6.14 -24.21 13.59
C GLN A 82 7.56 -23.71 13.89
N MET A 83 8.21 -23.09 12.90
CA MET A 83 9.56 -22.58 13.09
C MET A 83 9.49 -21.40 14.07
N MET A 84 8.47 -20.56 13.88
CA MET A 84 8.26 -19.41 14.75
C MET A 84 8.12 -19.93 16.17
N TYR A 85 7.35 -21.00 16.32
CA TYR A 85 7.13 -21.63 17.61
C TYR A 85 8.49 -22.03 18.21
N SER A 86 9.34 -22.68 17.40
CA SER A 86 10.67 -23.11 17.86
C SER A 86 11.49 -21.96 18.37
N MET A 87 11.45 -20.86 17.64
CA MET A 87 12.20 -19.68 18.01
C MET A 87 11.73 -19.15 19.35
N VAL A 88 10.43 -19.26 19.62
CA VAL A 88 9.90 -18.77 20.88
C VAL A 88 10.51 -19.51 22.07
N TRP A 89 10.76 -20.80 21.91
CA TRP A 89 11.38 -21.59 22.98
C TRP A 89 12.91 -21.49 22.90
N LEU A 90 13.46 -21.66 21.70
CA LEU A 90 14.90 -21.57 21.51
C LEU A 90 15.47 -20.24 22.03
N CYS A 91 14.91 -19.12 21.58
CA CYS A 91 15.38 -17.80 22.00
C CYS A 91 14.64 -17.25 23.21
N SER A 92 13.89 -18.09 23.90
CA SER A 92 13.12 -17.67 25.08
C SER A 92 12.49 -16.31 24.82
N LEU A 93 11.75 -16.22 23.71
CA LEU A 93 11.11 -14.98 23.32
C LEU A 93 10.07 -14.44 24.28
N GLN A 94 9.43 -15.32 25.03
CA GLN A 94 8.40 -14.86 25.97
C GLN A 94 8.94 -14.07 27.16
N GLU A 95 10.22 -13.75 27.13
CA GLU A 95 10.83 -12.96 28.20
C GLU A 95 11.12 -11.58 27.64
N LYS A 96 11.10 -11.45 26.32
CA LYS A 96 11.38 -10.18 25.70
C LYS A 96 10.12 -9.61 25.05
N PHE A 97 9.14 -10.47 24.77
CA PHE A 97 7.91 -10.04 24.10
C PHE A 97 6.64 -10.21 24.91
N SER A 98 5.75 -9.23 24.79
CA SER A 98 4.47 -9.31 25.46
C SER A 98 3.69 -10.42 24.77
N GLN A 99 2.63 -10.90 25.41
CA GLN A 99 1.83 -11.95 24.81
C GLN A 99 1.16 -11.46 23.53
N THR A 100 0.86 -10.16 23.48
CA THR A 100 0.23 -9.59 22.30
C THR A 100 1.24 -9.67 21.15
N ASP A 101 2.52 -9.54 21.47
CA ASP A 101 3.56 -9.63 20.45
C ASP A 101 3.65 -11.07 19.91
N ILE A 102 3.58 -12.04 20.81
CA ILE A 102 3.65 -13.44 20.42
C ILE A 102 2.41 -13.76 19.60
N LEU A 103 1.24 -13.36 20.09
CA LEU A 103 0.01 -13.61 19.34
C LEU A 103 0.20 -13.12 17.89
N ILE A 104 0.71 -11.90 17.72
CA ILE A 104 0.94 -11.34 16.38
C ILE A 104 1.91 -12.16 15.54
N LEU A 105 3.03 -12.55 16.12
CA LEU A 105 4.03 -13.34 15.41
C LEU A 105 3.42 -14.65 14.91
N MET A 106 2.72 -15.34 15.81
CA MET A 106 2.12 -16.62 15.47
C MET A 106 0.98 -16.50 14.47
N THR A 107 0.10 -15.54 14.68
CA THR A 107 -1.03 -15.40 13.76
C THR A 107 -0.59 -14.91 12.40
N ALA A 108 0.40 -14.03 12.36
CA ALA A 108 0.91 -13.51 11.10
C ALA A 108 1.56 -14.67 10.34
N ALA A 109 2.34 -15.48 11.05
CA ALA A 109 3.00 -16.61 10.42
C ALA A 109 1.99 -17.55 9.76
N ILE A 110 0.89 -17.84 10.46
CA ILE A 110 -0.14 -18.72 9.93
C ILE A 110 -0.93 -18.16 8.74
N CYS A 111 -1.04 -16.84 8.66
CA CYS A 111 -1.81 -16.22 7.58
C CYS A 111 -1.02 -15.56 6.47
N HIS A 112 0.30 -15.42 6.65
CA HIS A 112 1.13 -14.71 5.67
C HIS A 112 1.04 -15.08 4.18
N ASP A 113 0.60 -16.28 3.84
CA ASP A 113 0.47 -16.65 2.43
C ASP A 113 -0.94 -17.04 2.00
N LEU A 114 -1.95 -16.68 2.79
CA LEU A 114 -3.33 -17.01 2.43
C LEU A 114 -3.65 -16.71 0.96
N ASP A 115 -4.27 -17.68 0.30
CA ASP A 115 -4.72 -17.58 -1.10
C ASP A 115 -3.65 -17.32 -2.16
N HIS A 116 -2.40 -17.65 -1.87
CA HIS A 116 -1.32 -17.43 -2.84
C HIS A 116 -1.65 -18.15 -4.17
N PRO A 117 -1.38 -17.49 -5.30
CA PRO A 117 -1.65 -18.06 -6.63
C PRO A 117 -0.55 -18.86 -7.33
N GLY A 118 0.64 -18.93 -6.77
CA GLY A 118 1.72 -19.66 -7.42
C GLY A 118 2.62 -18.80 -8.28
N TYR A 119 2.17 -17.60 -8.61
CA TYR A 119 2.98 -16.67 -9.42
C TYR A 119 3.30 -15.44 -8.56
N ASN A 120 4.58 -15.12 -8.40
CA ASN A 120 4.96 -14.02 -7.55
C ASN A 120 4.55 -12.61 -8.02
N ASN A 121 4.98 -11.59 -7.27
CA ASN A 121 4.62 -10.20 -7.59
C ASN A 121 5.12 -9.76 -8.96
N THR A 122 6.35 -10.15 -9.29
CA THR A 122 6.91 -9.76 -10.58
C THR A 122 6.00 -10.20 -11.71
N TYR A 123 5.46 -11.41 -11.61
CA TYR A 123 4.57 -11.86 -12.67
C TYR A 123 3.37 -10.94 -12.68
N GLN A 124 2.73 -10.83 -11.53
CA GLN A 124 1.54 -9.99 -11.35
C GLN A 124 1.63 -8.59 -11.98
N ILE A 125 2.72 -7.89 -11.67
CA ILE A 125 2.96 -6.55 -12.18
C ILE A 125 3.18 -6.56 -13.71
N ASN A 126 4.13 -7.39 -14.18
CA ASN A 126 4.44 -7.50 -15.61
C ASN A 126 3.24 -8.00 -16.42
N ALA A 127 2.44 -8.88 -15.84
CA ALA A 127 1.27 -9.38 -16.55
C ALA A 127 0.07 -8.45 -16.41
N ARG A 128 0.24 -7.37 -15.64
CA ARG A 128 -0.86 -6.42 -15.41
C ARG A 128 -2.11 -7.19 -14.96
N THR A 129 -1.94 -8.00 -13.92
CA THR A 129 -3.01 -8.84 -13.36
C THR A 129 -4.05 -8.08 -12.52
N GLU A 130 -5.21 -8.70 -12.31
CA GLU A 130 -6.27 -8.06 -11.50
C GLU A 130 -5.78 -7.74 -10.10
N LEU A 131 -4.72 -8.41 -9.68
CA LEU A 131 -4.15 -8.20 -8.38
C LEU A 131 -3.29 -6.96 -8.45
N ALA A 132 -2.33 -6.98 -9.36
CA ALA A 132 -1.40 -5.86 -9.56
C ALA A 132 -2.12 -4.53 -9.79
N VAL A 133 -3.30 -4.60 -10.40
CA VAL A 133 -4.10 -3.42 -10.68
C VAL A 133 -4.72 -2.90 -9.40
N ARG A 134 -5.32 -3.81 -8.65
CA ARG A 134 -5.98 -3.47 -7.39
C ARG A 134 -5.04 -2.91 -6.31
N TYR A 135 -3.81 -3.39 -6.27
CA TYR A 135 -2.87 -2.90 -5.28
C TYR A 135 -1.77 -2.02 -5.87
N ASN A 136 -2.10 -1.40 -7.00
CA ASN A 136 -1.19 -0.48 -7.69
C ASN A 136 0.26 -0.91 -7.67
N ASP A 137 0.49 -2.17 -8.02
CA ASP A 137 1.83 -2.76 -8.08
C ASP A 137 2.62 -2.66 -6.78
N ILE A 138 1.93 -2.45 -5.66
CA ILE A 138 2.60 -2.34 -4.36
C ILE A 138 2.37 -3.65 -3.60
N SER A 139 3.44 -4.44 -3.43
CA SER A 139 3.37 -5.76 -2.76
C SER A 139 1.98 -6.38 -2.89
N PRO A 140 1.47 -6.48 -4.13
CA PRO A 140 0.13 -7.06 -4.35
C PRO A 140 -0.20 -8.38 -3.68
N LEU A 141 0.71 -9.35 -3.74
CA LEU A 141 0.45 -10.63 -3.10
C LEU A 141 0.32 -10.46 -1.60
N GLU A 142 1.35 -9.92 -0.97
CA GLU A 142 1.35 -9.73 0.47
C GLU A 142 0.10 -8.99 0.92
N ASN A 143 -0.23 -7.90 0.23
CA ASN A 143 -1.41 -7.13 0.57
C ASN A 143 -2.64 -8.05 0.52
N HIS A 144 -2.74 -8.84 -0.53
CA HIS A 144 -3.86 -9.74 -0.69
C HIS A 144 -3.96 -10.79 0.41
N HIS A 145 -2.82 -11.37 0.80
CA HIS A 145 -2.85 -12.39 1.83
C HIS A 145 -3.46 -11.78 3.08
N CYS A 146 -2.94 -10.61 3.43
CA CYS A 146 -3.38 -9.90 4.60
C CYS A 146 -4.87 -9.58 4.60
N ALA A 147 -5.40 -9.18 3.45
CA ALA A 147 -6.81 -8.86 3.36
C ALA A 147 -7.66 -10.12 3.62
N VAL A 148 -7.28 -11.23 2.99
CA VAL A 148 -8.01 -12.49 3.17
C VAL A 148 -7.95 -12.87 4.64
N ALA A 149 -6.80 -12.67 5.25
CA ALA A 149 -6.62 -12.98 6.66
C ALA A 149 -7.65 -12.26 7.51
N PHE A 150 -7.97 -11.01 7.17
CA PHE A 150 -8.93 -10.28 7.97
C PHE A 150 -10.35 -10.44 7.55
N GLN A 151 -10.57 -10.95 6.35
CA GLN A 151 -11.94 -11.22 5.91
C GLN A 151 -12.37 -12.47 6.66
N ILE A 152 -11.42 -13.37 6.88
CA ILE A 152 -11.67 -14.60 7.61
C ILE A 152 -12.05 -14.22 9.04
N LEU A 153 -11.17 -13.49 9.70
CA LEU A 153 -11.41 -13.05 11.07
C LEU A 153 -12.67 -12.19 11.19
N ALA A 154 -13.20 -11.79 10.04
CA ALA A 154 -14.42 -10.99 10.03
C ALA A 154 -15.64 -11.87 10.33
N GLU A 155 -15.64 -13.11 9.83
CA GLU A 155 -16.76 -14.02 10.10
C GLU A 155 -16.72 -14.41 11.57
N PRO A 156 -17.73 -13.98 12.35
CA PRO A 156 -17.77 -14.29 13.79
C PRO A 156 -17.43 -15.73 14.18
N GLU A 157 -17.76 -16.68 13.32
CA GLU A 157 -17.47 -18.07 13.61
C GLU A 157 -15.99 -18.45 13.62
N CYS A 158 -15.19 -17.74 12.83
CA CYS A 158 -13.76 -18.01 12.76
C CYS A 158 -12.96 -16.96 13.55
N ASN A 159 -13.66 -15.91 13.98
CA ASN A 159 -13.04 -14.81 14.67
C ASN A 159 -12.44 -15.13 16.04
N ILE A 160 -11.20 -15.58 16.04
CA ILE A 160 -10.53 -15.93 17.29
C ILE A 160 -10.19 -14.72 18.14
N PHE A 161 -10.66 -13.54 17.75
CA PHE A 161 -10.35 -12.35 18.54
C PHE A 161 -11.58 -11.74 19.23
N SER A 162 -12.73 -12.38 19.06
CA SER A 162 -13.99 -11.94 19.67
C SER A 162 -13.84 -11.32 21.04
N ASN A 163 -13.19 -12.04 21.95
CA ASN A 163 -13.06 -11.56 23.30
C ASN A 163 -11.89 -10.65 23.58
N ILE A 164 -11.40 -9.97 22.55
CA ILE A 164 -10.32 -9.02 22.76
C ILE A 164 -10.95 -7.67 22.51
N PRO A 165 -10.73 -6.72 23.43
CA PRO A 165 -11.28 -5.36 23.31
C PRO A 165 -10.80 -4.65 22.03
N PRO A 166 -11.67 -3.83 21.41
CA PRO A 166 -11.34 -3.10 20.18
C PRO A 166 -9.94 -2.49 20.13
N ASP A 167 -9.49 -1.88 21.23
CA ASP A 167 -8.15 -1.28 21.24
C ASP A 167 -7.06 -2.31 21.10
N GLY A 168 -7.27 -3.49 21.65
CA GLY A 168 -6.28 -4.54 21.55
C GLY A 168 -6.30 -5.13 20.15
N PHE A 169 -7.49 -5.18 19.57
CA PHE A 169 -7.66 -5.68 18.22
C PHE A 169 -6.91 -4.76 17.25
N LYS A 170 -7.09 -3.45 17.41
CA LYS A 170 -6.43 -2.50 16.55
C LYS A 170 -4.93 -2.72 16.58
N GLN A 171 -4.37 -2.86 17.77
CA GLN A 171 -2.94 -3.07 17.91
C GLN A 171 -2.46 -4.36 17.25
N ILE A 172 -3.26 -5.44 17.38
CA ILE A 172 -2.91 -6.72 16.81
C ILE A 172 -2.99 -6.70 15.28
N ARG A 173 -4.01 -6.05 14.76
CA ARG A 173 -4.22 -5.94 13.32
C ARG A 173 -3.07 -5.18 12.65
N GLN A 174 -2.73 -4.03 13.22
CA GLN A 174 -1.66 -3.23 12.67
C GLN A 174 -0.33 -4.00 12.69
N GLY A 175 -0.12 -4.80 13.73
CA GLY A 175 1.10 -5.57 13.85
C GLY A 175 1.17 -6.70 12.84
N MET A 176 0.05 -7.38 12.61
CA MET A 176 -0.01 -8.46 11.64
C MET A 176 0.27 -7.92 10.23
N ILE A 177 -0.36 -6.80 9.89
CA ILE A 177 -0.17 -6.17 8.58
C ILE A 177 1.31 -5.83 8.34
N THR A 178 1.95 -5.27 9.35
CA THR A 178 3.37 -4.95 9.25
C THR A 178 4.17 -6.23 8.99
N LEU A 179 3.93 -7.27 9.78
CA LEU A 179 4.65 -8.51 9.60
C LEU A 179 4.39 -9.21 8.28
N ILE A 180 3.14 -9.23 7.82
CA ILE A 180 2.84 -9.90 6.57
C ILE A 180 3.43 -9.18 5.38
N LEU A 181 3.36 -7.85 5.38
CA LEU A 181 3.93 -7.10 4.28
C LEU A 181 5.45 -7.22 4.32
N ALA A 182 6.01 -7.44 5.50
CA ALA A 182 7.45 -7.51 5.62
C ALA A 182 8.02 -8.79 4.99
N THR A 183 7.14 -9.71 4.60
CA THR A 183 7.58 -10.96 4.01
C THR A 183 7.93 -10.81 2.54
N ASP A 184 7.50 -9.73 1.91
CA ASP A 184 7.84 -9.50 0.52
C ASP A 184 9.36 -9.38 0.46
N MET A 185 10.02 -10.30 -0.24
CA MET A 185 11.48 -10.29 -0.34
C MET A 185 12.06 -9.09 -1.09
N ALA A 186 11.21 -8.39 -1.86
CA ALA A 186 11.64 -7.19 -2.60
C ALA A 186 12.19 -6.17 -1.62
N ARG A 187 11.71 -6.22 -0.38
CA ARG A 187 12.12 -5.31 0.68
C ARG A 187 13.16 -5.94 1.58
N HIS A 188 13.76 -7.03 1.17
CA HIS A 188 14.74 -7.69 2.02
C HIS A 188 15.95 -6.88 2.44
N ALA A 189 16.58 -6.18 1.49
CA ALA A 189 17.75 -5.36 1.79
C ALA A 189 17.39 -4.18 2.68
N GLU A 190 16.36 -3.44 2.26
CA GLU A 190 15.88 -2.29 3.01
C GLU A 190 15.70 -2.69 4.48
N ILE A 191 14.95 -3.75 4.72
CA ILE A 191 14.69 -4.22 6.07
C ILE A 191 15.93 -4.67 6.82
N MET A 192 16.83 -5.38 6.15
CA MET A 192 18.04 -5.82 6.84
C MET A 192 18.90 -4.64 7.24
N ASP A 193 18.92 -3.61 6.38
CA ASP A 193 19.69 -2.42 6.69
C ASP A 193 19.12 -1.78 7.96
N SER A 194 17.81 -1.51 7.95
CA SER A 194 17.13 -0.92 9.08
C SER A 194 17.40 -1.65 10.37
N PHE A 195 17.32 -2.98 10.31
CA PHE A 195 17.56 -3.80 11.50
C PHE A 195 19.02 -3.74 11.94
N LYS A 196 19.96 -3.89 11.00
CA LYS A 196 21.38 -3.86 11.34
C LYS A 196 21.76 -2.51 11.93
N GLU A 197 21.10 -1.46 11.45
CA GLU A 197 21.34 -0.12 11.92
C GLU A 197 20.92 0.00 13.39
N LYS A 198 19.83 -0.67 13.77
CA LYS A 198 19.36 -0.63 15.16
C LYS A 198 20.22 -1.52 16.04
N MET A 199 20.86 -2.51 15.43
CA MET A 199 21.71 -3.46 16.16
C MET A 199 22.93 -2.80 16.80
N GLU A 200 23.39 -1.70 16.18
CA GLU A 200 24.54 -0.95 16.68
C GLU A 200 24.38 -0.58 18.14
N ASN A 201 23.19 -0.86 18.69
CA ASN A 201 22.85 -0.58 20.07
C ASN A 201 21.36 -0.91 20.22
N PHE A 202 21.03 -2.20 20.27
CA PHE A 202 19.64 -2.64 20.35
C PHE A 202 18.97 -2.31 21.67
N ASP A 203 17.69 -1.98 21.62
CA ASP A 203 16.92 -1.62 22.81
C ASP A 203 15.61 -2.39 22.85
N TYR A 204 15.56 -3.45 23.66
CA TYR A 204 14.35 -4.26 23.77
C TYR A 204 13.16 -3.44 24.22
N SER A 205 13.41 -2.21 24.67
CA SER A 205 12.33 -1.36 25.14
C SER A 205 11.94 -0.31 24.13
N ASN A 206 12.67 -0.27 23.02
CA ASN A 206 12.39 0.67 21.96
C ASN A 206 11.39 0.02 21.02
N GLU A 207 10.16 0.53 21.02
CA GLU A 207 9.09 -0.01 20.18
C GLU A 207 9.48 -0.21 18.72
N GLU A 208 10.17 0.77 18.15
CA GLU A 208 10.59 0.66 16.76
C GLU A 208 11.66 -0.43 16.61
N HIS A 209 12.47 -0.60 17.65
CA HIS A 209 13.53 -1.61 17.65
C HIS A 209 12.90 -3.00 17.59
N MET A 210 11.84 -3.17 18.38
CA MET A 210 11.11 -4.42 18.45
C MET A 210 10.29 -4.73 17.20
N THR A 211 9.75 -3.71 16.54
CA THR A 211 8.96 -3.92 15.34
C THR A 211 9.82 -4.50 14.24
N LEU A 212 11.07 -4.06 14.16
CA LEU A 212 11.99 -4.57 13.16
C LEU A 212 12.43 -5.98 13.52
N LEU A 213 12.64 -6.22 14.81
CA LEU A 213 13.04 -7.54 15.26
C LEU A 213 11.93 -8.54 14.91
N LYS A 214 10.69 -8.11 15.02
CA LYS A 214 9.56 -8.99 14.69
C LYS A 214 9.47 -9.21 13.18
N MET A 215 9.81 -8.19 12.40
CA MET A 215 9.79 -8.29 10.94
C MET A 215 10.88 -9.29 10.54
N ILE A 216 12.02 -9.21 11.24
CA ILE A 216 13.15 -10.10 10.99
C ILE A 216 12.84 -11.54 11.39
N LEU A 217 12.15 -11.73 12.51
CA LEU A 217 11.80 -13.06 12.96
C LEU A 217 10.86 -13.79 12.01
N ILE A 218 9.80 -13.12 11.57
CA ILE A 218 8.87 -13.78 10.67
C ILE A 218 9.54 -13.97 9.32
N LYS A 219 10.44 -13.06 8.94
CA LYS A 219 11.14 -13.22 7.68
C LYS A 219 12.02 -14.46 7.79
N CYS A 220 12.65 -14.61 8.95
CA CYS A 220 13.51 -15.76 9.18
C CYS A 220 12.76 -17.07 9.00
N CYS A 221 11.61 -17.17 9.66
CA CYS A 221 10.79 -18.37 9.60
C CYS A 221 10.29 -18.67 8.19
N ASP A 222 9.89 -17.64 7.45
CA ASP A 222 9.33 -17.80 6.11
C ASP A 222 10.32 -18.34 5.07
N ILE A 223 11.62 -18.22 5.34
CA ILE A 223 12.62 -18.72 4.40
C ILE A 223 13.62 -19.61 5.15
N SER A 224 13.14 -20.25 6.21
CA SER A 224 13.96 -21.11 7.05
C SER A 224 14.11 -22.59 6.64
N ASN A 225 13.56 -22.99 5.51
CA ASN A 225 13.66 -24.39 5.10
C ASN A 225 15.06 -25.00 5.26
N GLU A 226 16.09 -24.28 4.81
CA GLU A 226 17.45 -24.79 4.92
C GLU A 226 17.99 -24.98 6.33
N VAL A 227 17.22 -24.57 7.34
CA VAL A 227 17.66 -24.73 8.73
C VAL A 227 17.32 -26.14 9.18
N ARG A 228 16.27 -26.69 8.59
CA ARG A 228 15.81 -28.03 8.90
C ARG A 228 16.77 -29.09 8.36
N PRO A 229 16.63 -30.35 8.81
CA PRO A 229 17.51 -31.44 8.35
C PRO A 229 17.48 -31.60 6.82
N MET A 230 18.64 -31.88 6.23
CA MET A 230 18.77 -32.04 4.79
C MET A 230 17.63 -32.85 4.19
N GLU A 231 17.19 -33.90 4.88
CA GLU A 231 16.11 -34.76 4.38
C GLU A 231 14.80 -34.01 4.28
N VAL A 232 14.53 -33.15 5.25
CA VAL A 232 13.31 -32.36 5.28
C VAL A 232 13.38 -31.16 4.36
N ALA A 233 14.56 -30.55 4.30
CA ALA A 233 14.79 -29.36 3.48
C ALA A 233 14.74 -29.50 1.97
N GLU A 234 15.46 -30.48 1.42
CA GLU A 234 15.50 -30.67 -0.04
C GLU A 234 14.17 -30.70 -0.77
N PRO A 235 13.23 -31.55 -0.35
CA PRO A 235 11.96 -31.54 -1.07
C PRO A 235 11.36 -30.15 -1.29
N TRP A 236 11.54 -29.25 -0.32
CA TRP A 236 11.02 -27.89 -0.45
C TRP A 236 11.66 -27.13 -1.63
N VAL A 237 12.98 -27.22 -1.76
CA VAL A 237 13.66 -26.52 -2.86
C VAL A 237 13.13 -26.96 -4.22
N ASP A 238 12.72 -28.22 -4.29
CA ASP A 238 12.21 -28.77 -5.54
C ASP A 238 10.79 -28.30 -5.76
N CYS A 239 10.01 -28.24 -4.67
CA CYS A 239 8.63 -27.77 -4.76
C CYS A 239 8.57 -26.29 -5.14
N LEU A 240 9.56 -25.52 -4.71
CA LEU A 240 9.57 -24.11 -5.04
C LEU A 240 9.90 -23.98 -6.53
N LEU A 241 10.96 -24.65 -6.97
CA LEU A 241 11.37 -24.61 -8.37
C LEU A 241 10.30 -25.12 -9.32
N GLU A 242 9.42 -25.98 -8.84
CA GLU A 242 8.35 -26.48 -9.69
C GLU A 242 7.46 -25.29 -10.02
N GLU A 243 7.03 -24.61 -8.97
CA GLU A 243 6.18 -23.42 -9.04
C GLU A 243 6.86 -22.35 -9.89
N TYR A 244 8.13 -22.12 -9.63
CA TYR A 244 8.91 -21.13 -10.38
C TYR A 244 8.96 -21.45 -11.87
N PHE A 245 9.09 -22.73 -12.22
CA PHE A 245 9.13 -23.11 -13.64
C PHE A 245 7.74 -22.96 -14.23
N MET A 246 6.74 -23.33 -13.45
CA MET A 246 5.35 -23.20 -13.86
C MET A 246 5.13 -21.74 -14.31
N GLN A 247 5.80 -20.82 -13.63
CA GLN A 247 5.70 -19.39 -13.93
C GLN A 247 6.49 -19.04 -15.18
N SER A 248 7.82 -19.20 -15.12
CA SER A 248 8.67 -18.87 -16.26
C SER A 248 8.22 -19.54 -17.56
N ASP A 249 7.41 -20.60 -17.46
CA ASP A 249 6.89 -21.27 -18.65
C ASP A 249 5.85 -20.30 -19.21
N ARG A 250 4.86 -20.00 -18.38
CA ARG A 250 3.78 -19.09 -18.72
C ARG A 250 4.35 -17.70 -19.06
N GLU A 251 5.50 -17.35 -18.48
CA GLU A 251 6.09 -16.05 -18.75
C GLU A 251 6.67 -15.96 -20.17
N LYS A 252 7.48 -16.94 -20.56
CA LYS A 252 8.07 -16.92 -21.91
C LYS A 252 7.01 -17.06 -23.01
N SER A 253 5.96 -17.84 -22.75
CA SER A 253 4.90 -18.03 -23.74
C SER A 253 3.84 -16.94 -23.65
N GLU A 254 4.24 -15.77 -23.15
CA GLU A 254 3.34 -14.62 -23.01
C GLU A 254 4.12 -13.33 -23.26
N GLY A 255 5.42 -13.48 -23.51
CA GLY A 255 6.26 -12.32 -23.78
C GLY A 255 6.89 -11.75 -22.54
N LEU A 256 6.18 -11.85 -21.42
CA LEU A 256 6.64 -11.35 -20.13
C LEU A 256 8.01 -11.91 -19.81
N PRO A 257 8.96 -11.03 -19.45
CA PRO A 257 10.32 -11.45 -19.13
C PRO A 257 10.41 -12.55 -18.05
N VAL A 258 11.61 -13.12 -17.89
CA VAL A 258 11.83 -14.18 -16.90
C VAL A 258 13.11 -13.94 -16.09
N ALA A 259 13.06 -14.29 -14.81
CA ALA A 259 14.21 -14.10 -13.95
C ALA A 259 15.16 -15.29 -14.02
N PRO A 260 16.47 -15.03 -13.94
CA PRO A 260 17.51 -16.07 -13.98
C PRO A 260 17.27 -17.24 -13.02
N PHE A 261 16.84 -16.95 -11.80
CA PHE A 261 16.60 -17.99 -10.79
C PHE A 261 15.31 -18.79 -11.05
N MET A 262 14.54 -18.39 -12.06
CA MET A 262 13.30 -19.10 -12.40
C MET A 262 13.43 -19.64 -13.82
N ASP A 263 14.61 -19.47 -14.41
CA ASP A 263 14.88 -19.89 -15.79
C ASP A 263 15.57 -21.26 -15.92
N ARG A 264 14.84 -22.19 -16.52
CA ARG A 264 15.32 -23.53 -16.75
C ARG A 264 16.73 -23.64 -17.29
N ASP A 265 17.03 -22.86 -18.33
CA ASP A 265 18.35 -22.89 -18.94
C ASP A 265 19.45 -22.24 -18.11
N LYS A 266 19.08 -21.55 -17.02
CA LYS A 266 20.09 -20.86 -16.21
C LYS A 266 20.28 -21.30 -14.76
N VAL A 267 19.22 -21.70 -14.08
CA VAL A 267 19.33 -22.06 -12.67
C VAL A 267 19.39 -23.54 -12.30
N THR A 268 20.16 -23.84 -11.26
CA THR A 268 20.29 -25.19 -10.77
C THR A 268 20.15 -25.15 -9.26
N LYS A 269 19.37 -26.08 -8.73
CA LYS A 269 19.13 -26.19 -7.31
C LYS A 269 20.38 -25.86 -6.49
N ALA A 270 21.52 -26.47 -6.82
CA ALA A 270 22.75 -26.25 -6.08
C ALA A 270 23.30 -24.82 -6.11
N THR A 271 23.55 -24.29 -7.30
CA THR A 271 24.07 -22.95 -7.40
C THR A 271 23.14 -21.95 -6.73
N ALA A 272 21.82 -22.14 -6.93
CA ALA A 272 20.84 -21.25 -6.32
C ALA A 272 21.02 -21.26 -4.80
N GLN A 273 20.78 -22.40 -4.16
CA GLN A 273 20.91 -22.51 -2.72
C GLN A 273 22.27 -22.09 -2.15
N ILE A 274 23.33 -22.10 -2.97
CA ILE A 274 24.63 -21.66 -2.47
C ILE A 274 24.55 -20.13 -2.36
N GLY A 275 23.90 -19.52 -3.35
CA GLY A 275 23.77 -18.08 -3.34
C GLY A 275 22.83 -17.61 -2.24
N PHE A 276 21.71 -18.34 -2.08
CA PHE A 276 20.72 -17.99 -1.09
C PHE A 276 21.26 -18.17 0.31
N ILE A 277 21.97 -19.26 0.53
CA ILE A 277 22.52 -19.53 1.84
C ILE A 277 23.65 -18.61 2.26
N LYS A 278 24.43 -18.13 1.31
CA LYS A 278 25.55 -17.26 1.63
C LYS A 278 25.24 -15.77 1.63
N PHE A 279 24.41 -15.34 0.69
CA PHE A 279 24.06 -13.93 0.57
C PHE A 279 22.69 -13.53 1.11
N VAL A 280 22.02 -14.43 1.81
CA VAL A 280 20.70 -14.11 2.36
C VAL A 280 20.53 -14.74 3.72
N LEU A 281 20.43 -16.06 3.75
CA LEU A 281 20.22 -16.79 4.99
C LEU A 281 21.29 -16.70 6.09
N ILE A 282 22.55 -16.90 5.75
CA ILE A 282 23.59 -16.87 6.79
C ILE A 282 23.83 -15.46 7.34
N PRO A 283 23.82 -14.44 6.47
CA PRO A 283 24.05 -13.09 6.99
C PRO A 283 22.90 -12.70 7.92
N MET A 284 21.68 -12.94 7.48
CA MET A 284 20.50 -12.60 8.27
C MET A 284 20.50 -13.28 9.61
N PHE A 285 20.72 -14.60 9.63
CA PHE A 285 20.74 -15.32 10.90
C PHE A 285 21.99 -15.01 11.71
N GLU A 286 22.96 -14.36 11.06
CA GLU A 286 24.19 -14.00 11.74
C GLU A 286 23.90 -12.83 12.67
N THR A 287 23.28 -11.77 12.12
CA THR A 287 22.96 -10.60 12.93
C THR A 287 21.97 -10.96 14.05
N VAL A 288 21.08 -11.91 13.78
CA VAL A 288 20.11 -12.33 14.78
C VAL A 288 20.81 -13.03 15.94
N THR A 289 21.95 -13.66 15.63
CA THR A 289 22.73 -14.37 16.63
C THR A 289 23.37 -13.40 17.60
N LYS A 290 23.68 -12.21 17.11
CA LYS A 290 24.29 -11.19 17.96
C LYS A 290 23.30 -10.82 19.07
N LEU A 291 22.03 -11.12 18.83
CA LEU A 291 20.98 -10.85 19.82
C LEU A 291 20.71 -12.15 20.58
N PHE A 292 20.69 -13.26 19.86
CA PHE A 292 20.46 -14.57 20.48
C PHE A 292 21.62 -15.52 20.15
N PRO A 293 22.50 -15.78 21.14
CA PRO A 293 23.66 -16.66 21.00
C PRO A 293 23.33 -18.13 20.73
N MET A 294 22.25 -18.63 21.33
CA MET A 294 21.86 -20.03 21.14
C MET A 294 21.40 -20.30 19.70
N VAL A 295 21.08 -19.26 18.97
CA VAL A 295 20.65 -19.38 17.59
C VAL A 295 21.79 -19.83 16.68
N GLU A 296 23.03 -19.59 17.10
CA GLU A 296 24.18 -19.96 16.29
C GLU A 296 24.34 -21.47 16.15
N GLU A 297 24.25 -22.18 17.25
CA GLU A 297 24.41 -23.63 17.20
C GLU A 297 23.22 -24.28 16.52
N ILE A 298 22.03 -23.99 17.03
CA ILE A 298 20.80 -24.58 16.53
C ILE A 298 20.34 -24.26 15.10
N MET A 299 20.72 -23.11 14.55
CA MET A 299 20.27 -22.77 13.21
C MET A 299 21.31 -22.26 12.22
N LEU A 300 22.38 -21.67 12.72
CA LEU A 300 23.40 -21.15 11.83
C LEU A 300 24.31 -22.31 11.41
N GLN A 301 24.31 -23.37 12.23
CA GLN A 301 25.12 -24.54 11.95
C GLN A 301 24.57 -25.30 10.73
N PRO A 302 23.30 -25.73 10.78
CA PRO A 302 22.77 -26.45 9.61
C PRO A 302 22.88 -25.61 8.34
N LEU A 303 22.83 -24.30 8.50
CA LEU A 303 22.95 -23.39 7.35
C LEU A 303 24.32 -23.48 6.72
N TRP A 304 25.36 -23.50 7.55
CA TRP A 304 26.73 -23.60 7.03
C TRP A 304 26.83 -24.97 6.34
N GLU A 305 26.45 -26.00 7.07
CA GLU A 305 26.48 -27.36 6.56
C GLU A 305 25.78 -27.42 5.20
N SER A 306 24.58 -26.89 5.16
CA SER A 306 23.78 -26.87 3.94
C SER A 306 24.53 -26.20 2.80
N ARG A 307 25.22 -25.10 3.11
CA ARG A 307 25.99 -24.36 2.10
C ARG A 307 27.10 -25.27 1.58
N ASP A 308 27.83 -25.86 2.51
CA ASP A 308 28.93 -26.74 2.15
C ASP A 308 28.45 -27.84 1.22
N ARG A 309 27.37 -28.50 1.61
CA ARG A 309 26.82 -29.60 0.83
C ARG A 309 26.41 -29.21 -0.58
N TYR A 310 25.73 -28.09 -0.75
CA TYR A 310 25.33 -27.68 -2.09
C TYR A 310 26.53 -27.30 -2.95
N GLU A 311 27.66 -27.02 -2.30
CA GLU A 311 28.86 -26.67 -3.06
C GLU A 311 29.56 -27.93 -3.59
N GLU A 312 29.41 -29.03 -2.86
CA GLU A 312 29.99 -30.31 -3.27
C GLU A 312 29.08 -30.89 -4.36
N LEU A 313 27.80 -30.59 -4.26
CA LEU A 313 26.82 -31.07 -5.22
C LEU A 313 26.95 -30.26 -6.49
N LYS A 314 27.61 -29.11 -6.39
CA LYS A 314 27.78 -28.23 -7.55
C LYS A 314 28.80 -28.80 -8.52
N ARG A 315 29.85 -29.41 -7.97
CA ARG A 315 30.91 -30.02 -8.77
C ARG A 315 30.30 -31.09 -9.67
N ILE A 316 29.66 -32.07 -9.03
CA ILE A 316 29.00 -33.17 -9.74
C ILE A 316 27.99 -32.68 -10.77
N ASP A 317 27.23 -31.65 -10.42
CA ASP A 317 26.26 -31.13 -11.37
C ASP A 317 26.96 -30.59 -12.60
N ASP A 318 28.02 -29.82 -12.39
CA ASP A 318 28.77 -29.25 -13.49
C ASP A 318 29.41 -30.37 -14.31
N ALA A 319 29.87 -31.40 -13.62
CA ALA A 319 30.49 -32.54 -14.28
C ALA A 319 29.52 -33.25 -15.23
N MET A 320 28.27 -33.44 -14.77
CA MET A 320 27.25 -34.08 -15.60
C MET A 320 26.91 -33.19 -16.79
N LYS A 321 26.93 -31.88 -16.56
CA LYS A 321 26.64 -30.92 -17.61
C LYS A 321 27.60 -31.12 -18.79
N GLU A 322 28.90 -31.27 -18.49
CA GLU A 322 29.92 -31.46 -19.52
C GLU A 322 29.58 -32.64 -20.43
N LEU A 323 28.96 -33.67 -19.84
CA LEU A 323 28.60 -34.88 -20.56
C LEU A 323 27.40 -34.76 -21.48
N GLN A 324 26.39 -34.01 -21.05
CA GLN A 324 25.20 -33.84 -21.86
C GLN A 324 25.42 -32.82 -22.97
N LYS A 325 26.67 -32.39 -23.11
CA LYS A 325 27.10 -31.42 -24.13
C LYS A 325 28.09 -32.11 -25.09
N LYS A 326 27.65 -32.92 -25.94
N LEU B 7 -19.23 22.41 -27.74
CA LEU B 7 -18.48 23.43 -28.53
C LEU B 7 -18.10 24.67 -27.74
N LEU B 8 -16.85 24.72 -27.29
CA LEU B 8 -16.34 25.84 -26.51
C LEU B 8 -16.15 27.07 -27.39
N SER B 9 -16.55 28.23 -26.89
CA SER B 9 -16.36 29.46 -27.66
C SER B 9 -14.91 29.87 -27.47
N PRO B 10 -14.44 30.89 -28.20
CA PRO B 10 -13.04 31.31 -28.03
C PRO B 10 -12.87 32.03 -26.69
N GLU B 11 -13.95 32.61 -26.21
CA GLU B 11 -13.93 33.34 -24.94
C GLU B 11 -13.67 32.34 -23.81
N THR B 12 -14.33 31.18 -23.90
CA THR B 12 -14.21 30.11 -22.92
C THR B 12 -12.81 29.51 -22.95
N ILE B 13 -12.36 29.13 -24.13
CA ILE B 13 -11.03 28.53 -24.28
C ILE B 13 -9.95 29.40 -23.67
N GLU B 14 -10.26 30.67 -23.44
CA GLU B 14 -9.27 31.59 -22.88
C GLU B 14 -9.36 31.75 -21.37
N ALA B 15 -10.58 31.74 -20.83
CA ALA B 15 -10.78 31.88 -19.40
C ALA B 15 -10.49 30.55 -18.69
N LEU B 16 -10.45 29.49 -19.48
CA LEU B 16 -10.20 28.15 -18.98
C LEU B 16 -8.74 27.96 -18.54
N ARG B 17 -7.87 28.89 -18.91
CA ARG B 17 -6.46 28.80 -18.53
C ARG B 17 -6.18 29.60 -17.26
N LYS B 18 -7.23 30.13 -16.65
CA LYS B 18 -7.07 30.93 -15.45
C LYS B 18 -7.85 30.37 -14.27
N PRO B 19 -7.31 30.56 -13.06
CA PRO B 19 -7.98 30.07 -11.86
C PRO B 19 -9.28 30.81 -11.54
N THR B 20 -9.60 31.84 -12.30
CA THR B 20 -10.83 32.59 -12.07
C THR B 20 -12.03 31.95 -12.79
N PHE B 21 -11.77 30.90 -13.56
CA PHE B 21 -12.82 30.19 -14.31
C PHE B 21 -13.97 29.77 -13.41
N ASP B 22 -15.21 30.05 -13.82
CA ASP B 22 -16.37 29.69 -13.02
C ASP B 22 -16.85 28.28 -13.34
N VAL B 23 -16.45 27.34 -12.48
CA VAL B 23 -16.77 25.94 -12.64
C VAL B 23 -18.23 25.63 -12.38
N TRP B 24 -18.88 26.48 -11.60
CA TRP B 24 -20.28 26.27 -11.25
C TRP B 24 -21.27 26.50 -12.38
N LEU B 25 -20.81 27.04 -13.50
CA LEU B 25 -21.71 27.29 -14.63
C LEU B 25 -21.97 26.00 -15.40
N TRP B 26 -20.94 25.56 -16.10
CA TRP B 26 -20.97 24.38 -16.94
C TRP B 26 -21.59 23.09 -16.38
N GLU B 27 -22.07 22.25 -17.29
CA GLU B 27 -22.69 20.99 -16.95
C GLU B 27 -21.78 19.83 -17.33
N PRO B 28 -22.04 18.65 -16.75
CA PRO B 28 -21.23 17.46 -17.05
C PRO B 28 -20.84 17.35 -18.51
N ASN B 29 -21.80 17.63 -19.37
CA ASN B 29 -21.58 17.56 -20.81
C ASN B 29 -20.52 18.56 -21.25
N GLU B 30 -20.72 19.82 -20.87
CA GLU B 30 -19.82 20.90 -21.23
C GLU B 30 -18.41 20.76 -20.65
N MET B 31 -18.32 20.37 -19.38
CA MET B 31 -17.03 20.20 -18.73
C MET B 31 -16.25 19.11 -19.43
N LEU B 32 -16.94 18.04 -19.80
CA LEU B 32 -16.29 16.93 -20.49
C LEU B 32 -15.59 17.49 -21.73
N SER B 33 -16.18 18.52 -22.32
CA SER B 33 -15.62 19.17 -23.50
C SER B 33 -14.35 19.92 -23.13
N CYS B 34 -14.43 20.72 -22.07
CA CYS B 34 -13.29 21.49 -21.62
C CYS B 34 -12.12 20.55 -21.36
N LEU B 35 -12.40 19.42 -20.69
CA LEU B 35 -11.34 18.45 -20.41
C LEU B 35 -10.72 17.97 -21.72
N GLU B 36 -11.56 17.55 -22.64
CA GLU B 36 -11.11 17.07 -23.95
C GLU B 36 -10.22 18.13 -24.60
N HIS B 37 -10.68 19.38 -24.55
CA HIS B 37 -9.95 20.51 -25.10
C HIS B 37 -8.54 20.58 -24.52
N MET B 38 -8.47 20.58 -23.19
CA MET B 38 -7.20 20.66 -22.49
C MET B 38 -6.21 19.65 -23.00
N TYR B 39 -6.68 18.43 -23.28
CA TYR B 39 -5.77 17.39 -23.77
C TYR B 39 -5.20 17.68 -25.15
N HIS B 40 -6.00 18.32 -26.02
CA HIS B 40 -5.53 18.68 -27.36
C HIS B 40 -4.64 19.90 -27.25
N ASP B 41 -5.15 20.93 -26.55
CA ASP B 41 -4.42 22.18 -26.35
C ASP B 41 -3.01 21.99 -25.79
N LEU B 42 -2.84 20.99 -24.92
CA LEU B 42 -1.55 20.71 -24.32
C LEU B 42 -0.69 19.83 -25.25
N GLY B 43 -1.31 19.40 -26.35
CA GLY B 43 -0.60 18.56 -27.31
C GLY B 43 -0.26 17.18 -26.79
N LEU B 44 -1.08 16.66 -25.88
CA LEU B 44 -0.86 15.33 -25.32
C LEU B 44 -1.28 14.34 -26.39
N VAL B 45 -2.36 14.68 -27.09
CA VAL B 45 -2.86 13.85 -28.18
C VAL B 45 -1.68 13.72 -29.16
N ARG B 46 -1.20 14.86 -29.64
CA ARG B 46 -0.07 14.87 -30.57
C ARG B 46 1.12 14.04 -30.11
N ASP B 47 1.85 14.54 -29.10
CA ASP B 47 3.02 13.86 -28.60
C ASP B 47 2.86 12.41 -28.10
N PHE B 48 1.62 11.95 -27.93
CA PHE B 48 1.41 10.60 -27.44
C PHE B 48 0.67 9.67 -28.39
N SER B 49 -0.02 10.26 -29.37
CA SER B 49 -0.77 9.51 -30.37
C SER B 49 -2.10 9.04 -29.82
N ILE B 50 -2.71 9.88 -28.99
CA ILE B 50 -3.99 9.55 -28.41
C ILE B 50 -5.05 9.62 -29.50
N ASN B 51 -5.86 8.58 -29.58
CA ASN B 51 -6.92 8.52 -30.57
C ASN B 51 -8.04 9.42 -30.05
N PRO B 52 -8.25 10.57 -30.71
CA PRO B 52 -9.29 11.53 -30.33
C PRO B 52 -10.68 10.97 -30.05
N VAL B 53 -10.98 9.77 -30.50
CA VAL B 53 -12.30 9.21 -30.23
C VAL B 53 -12.26 8.46 -28.92
N THR B 54 -11.17 7.71 -28.74
CA THR B 54 -10.96 6.95 -27.53
C THR B 54 -10.94 7.95 -26.38
N LEU B 55 -10.11 8.99 -26.51
CA LEU B 55 -9.99 10.04 -25.50
C LEU B 55 -11.37 10.61 -25.12
N ARG B 56 -12.30 10.66 -26.06
CA ARG B 56 -13.60 11.21 -25.73
C ARG B 56 -14.44 10.17 -25.00
N ARG B 57 -14.25 8.88 -25.30
CA ARG B 57 -15.01 7.83 -24.62
C ARG B 57 -14.51 7.70 -23.18
N TRP B 58 -13.18 7.65 -23.04
CA TRP B 58 -12.51 7.55 -21.75
C TRP B 58 -13.01 8.58 -20.75
N LEU B 59 -13.08 9.84 -21.19
CA LEU B 59 -13.56 10.90 -20.31
C LEU B 59 -15.01 10.66 -19.97
N PHE B 60 -15.67 9.78 -20.72
CA PHE B 60 -17.06 9.49 -20.41
C PHE B 60 -17.06 8.30 -19.45
N CYS B 61 -16.15 7.35 -19.69
CA CYS B 61 -16.02 6.19 -18.83
C CYS B 61 -15.81 6.79 -17.42
N VAL B 62 -14.83 7.70 -17.32
CA VAL B 62 -14.48 8.37 -16.07
C VAL B 62 -15.68 9.06 -15.40
N HIS B 63 -16.34 9.95 -16.13
CA HIS B 63 -17.47 10.65 -15.57
C HIS B 63 -18.53 9.73 -14.96
N ASP B 64 -18.73 8.57 -15.58
CA ASP B 64 -19.72 7.63 -15.08
C ASP B 64 -19.30 7.10 -13.70
N ASN B 65 -18.03 6.72 -13.60
CA ASN B 65 -17.45 6.19 -12.37
C ASN B 65 -17.34 7.13 -11.17
N TYR B 66 -17.75 8.39 -11.34
CA TYR B 66 -17.73 9.31 -10.19
C TYR B 66 -19.10 9.19 -9.57
N ARG B 67 -19.20 9.41 -8.27
CA ARG B 67 -20.49 9.29 -7.63
C ARG B 67 -21.13 10.64 -7.39
N ASN B 68 -22.42 10.59 -7.08
CA ASN B 68 -23.21 11.77 -6.84
C ASN B 68 -23.08 12.26 -5.37
N ASN B 69 -21.88 12.71 -5.02
CA ASN B 69 -21.62 13.20 -3.66
C ASN B 69 -21.68 14.72 -3.64
N PRO B 70 -22.08 15.30 -2.50
CA PRO B 70 -22.13 16.76 -2.45
C PRO B 70 -20.78 17.38 -2.80
N PHE B 71 -19.68 16.80 -2.32
CA PHE B 71 -18.35 17.34 -2.62
C PHE B 71 -17.53 16.49 -3.58
N HIS B 72 -17.21 15.27 -3.19
CA HIS B 72 -16.39 14.41 -4.05
C HIS B 72 -17.15 13.83 -5.24
N ASN B 73 -17.38 14.68 -6.23
CA ASN B 73 -18.11 14.33 -7.44
C ASN B 73 -17.33 14.74 -8.69
N PHE B 74 -17.93 14.55 -9.85
CA PHE B 74 -17.25 14.87 -11.10
C PHE B 74 -16.84 16.34 -11.24
N ARG B 75 -17.57 17.24 -10.59
CA ARG B 75 -17.21 18.65 -10.69
C ARG B 75 -15.89 18.90 -9.95
N HIS B 76 -15.76 18.35 -8.75
CA HIS B 76 -14.53 18.51 -7.99
C HIS B 76 -13.37 18.10 -8.88
N CYS B 77 -13.58 16.96 -9.52
CA CYS B 77 -12.64 16.36 -10.46
C CYS B 77 -12.26 17.42 -11.49
N PHE B 78 -13.29 18.06 -12.03
CA PHE B 78 -13.14 19.10 -13.02
C PHE B 78 -12.24 20.23 -12.50
N CYS B 79 -12.58 20.78 -11.33
CA CYS B 79 -11.80 21.85 -10.71
C CYS B 79 -10.34 21.48 -10.58
N VAL B 80 -10.08 20.30 -10.03
CA VAL B 80 -8.72 19.86 -9.84
C VAL B 80 -7.96 19.84 -11.16
N ALA B 81 -8.56 19.30 -12.21
CA ALA B 81 -7.87 19.24 -13.49
C ALA B 81 -7.78 20.61 -14.15
N GLN B 82 -8.82 21.42 -13.95
CA GLN B 82 -8.85 22.77 -14.52
C GLN B 82 -7.75 23.62 -13.87
N MET B 83 -7.61 23.50 -12.55
CA MET B 83 -6.59 24.25 -11.81
C MET B 83 -5.20 23.79 -12.26
N MET B 84 -5.04 22.49 -12.42
CA MET B 84 -3.77 21.90 -12.87
C MET B 84 -3.44 22.51 -14.22
N TYR B 85 -4.45 22.59 -15.07
CA TYR B 85 -4.33 23.17 -16.41
C TYR B 85 -3.91 24.63 -16.32
N SER B 86 -4.52 25.38 -15.41
CA SER B 86 -4.19 26.79 -15.22
C SER B 86 -2.72 26.95 -14.87
N MET B 87 -2.23 26.04 -14.04
CA MET B 87 -0.85 26.08 -13.60
C MET B 87 0.15 25.71 -14.67
N VAL B 88 -0.25 24.87 -15.62
CA VAL B 88 0.67 24.52 -16.69
C VAL B 88 0.95 25.79 -17.48
N TRP B 89 -0.08 26.62 -17.64
CA TRP B 89 0.08 27.88 -18.36
C TRP B 89 0.74 28.97 -17.51
N LEU B 90 0.17 29.26 -16.35
CA LEU B 90 0.72 30.29 -15.48
C LEU B 90 2.22 30.12 -15.20
N CYS B 91 2.61 28.94 -14.72
CA CYS B 91 4.00 28.66 -14.38
C CYS B 91 4.82 28.14 -15.55
N SER B 92 4.24 28.03 -16.73
CA SER B 92 4.95 27.54 -17.91
C SER B 92 5.66 26.23 -17.62
N LEU B 93 4.89 25.26 -17.14
CA LEU B 93 5.44 23.96 -16.78
C LEU B 93 5.94 23.13 -17.96
N GLN B 94 5.58 23.52 -19.18
CA GLN B 94 6.04 22.76 -20.33
C GLN B 94 7.50 23.06 -20.65
N GLU B 95 8.06 24.01 -19.90
CA GLU B 95 9.46 24.42 -20.03
C GLU B 95 10.29 23.67 -19.00
N LYS B 96 9.61 23.06 -18.03
CA LYS B 96 10.29 22.33 -16.97
C LYS B 96 10.03 20.83 -17.05
N PHE B 97 8.78 20.49 -17.33
CA PHE B 97 8.33 19.10 -17.42
C PHE B 97 8.21 18.56 -18.84
N SER B 98 8.37 17.25 -18.97
CA SER B 98 8.25 16.58 -20.25
C SER B 98 6.76 16.41 -20.50
N GLN B 99 6.40 16.09 -21.73
CA GLN B 99 5.01 15.89 -22.06
C GLN B 99 4.51 14.66 -21.29
N THR B 100 5.45 13.79 -20.93
CA THR B 100 5.14 12.60 -20.16
C THR B 100 4.56 13.08 -18.82
N ASP B 101 5.37 13.82 -18.07
CA ASP B 101 4.96 14.36 -16.78
C ASP B 101 3.65 15.16 -16.85
N ILE B 102 3.46 15.89 -17.95
CA ILE B 102 2.25 16.68 -18.10
C ILE B 102 1.05 15.77 -18.30
N LEU B 103 1.28 14.63 -18.96
CA LEU B 103 0.19 13.69 -19.20
C LEU B 103 -0.19 13.07 -17.85
N ILE B 104 0.84 12.79 -17.04
CA ILE B 104 0.64 12.21 -15.72
C ILE B 104 -0.15 13.18 -14.82
N LEU B 105 0.34 14.41 -14.71
CA LEU B 105 -0.32 15.42 -13.91
C LEU B 105 -1.79 15.63 -14.26
N MET B 106 -2.10 15.67 -15.55
CA MET B 106 -3.47 15.89 -15.97
C MET B 106 -4.38 14.67 -15.80
N THR B 107 -3.82 13.49 -16.10
CA THR B 107 -4.58 12.27 -15.98
C THR B 107 -4.80 11.97 -14.51
N ALA B 108 -3.74 12.14 -13.72
CA ALA B 108 -3.82 11.93 -12.28
C ALA B 108 -4.91 12.81 -11.68
N ALA B 109 -4.89 14.10 -12.03
CA ALA B 109 -5.88 15.03 -11.51
C ALA B 109 -7.31 14.62 -11.80
N ILE B 110 -7.56 14.14 -13.02
CA ILE B 110 -8.90 13.74 -13.44
C ILE B 110 -9.39 12.48 -12.73
N CYS B 111 -8.47 11.55 -12.51
CA CYS B 111 -8.80 10.29 -11.88
C CYS B 111 -8.75 10.21 -10.35
N HIS B 112 -8.00 11.13 -9.74
CA HIS B 112 -7.78 11.11 -8.29
C HIS B 112 -8.90 10.78 -7.31
N ASP B 113 -10.17 11.05 -7.63
CA ASP B 113 -11.24 10.70 -6.70
C ASP B 113 -12.29 9.72 -7.26
N LEU B 114 -11.89 8.92 -8.25
CA LEU B 114 -12.79 7.95 -8.87
C LEU B 114 -13.54 7.05 -7.87
N ASP B 115 -14.86 7.08 -7.96
CA ASP B 115 -15.71 6.25 -7.11
C ASP B 115 -15.61 6.52 -5.60
N HIS B 116 -15.36 7.76 -5.23
CA HIS B 116 -15.29 8.13 -3.82
C HIS B 116 -16.70 7.85 -3.28
N PRO B 117 -16.80 7.24 -2.09
CA PRO B 117 -18.09 6.92 -1.47
C PRO B 117 -18.73 8.02 -0.61
N GLY B 118 -17.97 9.06 -0.30
CA GLY B 118 -18.51 10.14 0.51
C GLY B 118 -18.22 10.04 1.99
N TYR B 119 -17.39 9.08 2.36
CA TYR B 119 -16.98 8.87 3.74
C TYR B 119 -15.48 8.67 3.63
N ASN B 120 -14.73 9.45 4.41
CA ASN B 120 -13.28 9.40 4.34
C ASN B 120 -12.63 8.15 4.95
N ASN B 121 -11.30 8.08 4.81
CA ASN B 121 -10.56 6.94 5.32
C ASN B 121 -10.80 6.66 6.80
N THR B 122 -10.93 7.71 7.60
CA THR B 122 -11.16 7.46 9.01
C THR B 122 -12.44 6.65 9.19
N TYR B 123 -13.49 6.99 8.45
CA TYR B 123 -14.72 6.22 8.56
C TYR B 123 -14.48 4.78 8.09
N GLN B 124 -13.82 4.62 6.94
CA GLN B 124 -13.53 3.29 6.43
C GLN B 124 -12.80 2.46 7.49
N ILE B 125 -11.72 3.02 8.00
CA ILE B 125 -10.93 2.32 8.99
C ILE B 125 -11.73 2.00 10.25
N ASN B 126 -12.31 3.02 10.89
CA ASN B 126 -13.08 2.80 12.11
C ASN B 126 -14.26 1.84 11.93
N ALA B 127 -14.92 1.90 10.78
CA ALA B 127 -16.06 1.04 10.51
C ALA B 127 -15.64 -0.32 9.94
N ARG B 128 -14.35 -0.48 9.67
CA ARG B 128 -13.83 -1.74 9.13
C ARG B 128 -14.55 -2.18 7.86
N THR B 129 -14.67 -1.25 6.92
CA THR B 129 -15.33 -1.49 5.64
C THR B 129 -14.52 -2.42 4.74
N GLU B 130 -15.11 -2.82 3.62
CA GLU B 130 -14.43 -3.69 2.65
C GLU B 130 -13.17 -3.01 2.14
N LEU B 131 -13.25 -1.71 1.89
CA LEU B 131 -12.09 -0.95 1.42
C LEU B 131 -10.99 -1.01 2.46
N ALA B 132 -11.35 -0.75 3.72
CA ALA B 132 -10.37 -0.77 4.78
C ALA B 132 -9.77 -2.18 4.87
N VAL B 133 -10.64 -3.18 4.88
CA VAL B 133 -10.16 -4.55 4.96
C VAL B 133 -9.26 -4.88 3.78
N ARG B 134 -9.70 -4.50 2.58
CA ARG B 134 -8.97 -4.77 1.35
C ARG B 134 -7.61 -4.11 1.26
N TYR B 135 -7.53 -2.87 1.73
CA TYR B 135 -6.29 -2.13 1.66
C TYR B 135 -5.46 -2.11 2.93
N ASN B 136 -5.90 -2.89 3.93
CA ASN B 136 -5.21 -3.00 5.21
C ASN B 136 -5.00 -1.62 5.89
N ASP B 137 -6.06 -0.83 5.90
CA ASP B 137 -6.06 0.51 6.49
C ASP B 137 -5.05 1.48 5.88
N ILE B 138 -4.34 1.05 4.83
CA ILE B 138 -3.37 1.92 4.17
C ILE B 138 -4.02 2.69 3.01
N SER B 139 -4.17 4.01 3.19
CA SER B 139 -4.78 4.89 2.20
C SER B 139 -5.85 4.17 1.42
N PRO B 140 -6.80 3.56 2.11
CA PRO B 140 -7.85 2.82 1.39
C PRO B 140 -8.59 3.55 0.25
N LEU B 141 -9.03 4.79 0.46
CA LEU B 141 -9.74 5.49 -0.61
C LEU B 141 -8.85 5.79 -1.82
N GLU B 142 -7.73 6.47 -1.59
CA GLU B 142 -6.80 6.81 -2.66
C GLU B 142 -6.36 5.57 -3.42
N ASN B 143 -6.04 4.49 -2.71
CA ASN B 143 -5.63 3.24 -3.35
C ASN B 143 -6.72 2.73 -4.29
N HIS B 144 -7.96 2.82 -3.82
CA HIS B 144 -9.11 2.40 -4.59
C HIS B 144 -9.30 3.30 -5.81
N HIS B 145 -9.12 4.61 -5.64
CA HIS B 145 -9.29 5.53 -6.77
C HIS B 145 -8.32 5.15 -7.89
N CYS B 146 -7.04 5.11 -7.54
CA CYS B 146 -6.00 4.79 -8.49
C CYS B 146 -6.25 3.43 -9.14
N ALA B 147 -6.98 2.56 -8.43
CA ALA B 147 -7.28 1.23 -8.94
C ALA B 147 -8.43 1.27 -9.94
N VAL B 148 -9.47 2.03 -9.61
CA VAL B 148 -10.60 2.17 -10.51
C VAL B 148 -10.15 2.94 -11.74
N ALA B 149 -9.10 3.73 -11.58
CA ALA B 149 -8.56 4.50 -12.69
C ALA B 149 -7.97 3.55 -13.73
N PHE B 150 -7.13 2.64 -13.28
CA PHE B 150 -6.51 1.69 -14.17
C PHE B 150 -7.45 0.57 -14.60
N GLN B 151 -8.60 0.48 -13.95
CA GLN B 151 -9.58 -0.51 -14.32
C GLN B 151 -10.18 -0.02 -15.62
N ILE B 152 -10.38 1.29 -15.70
CA ILE B 152 -10.95 1.92 -16.88
C ILE B 152 -9.96 1.90 -18.04
N LEU B 153 -8.68 2.17 -17.76
CA LEU B 153 -7.67 2.15 -18.81
C LEU B 153 -7.40 0.71 -19.23
N ALA B 154 -8.04 -0.22 -18.53
CA ALA B 154 -7.88 -1.63 -18.83
C ALA B 154 -8.78 -1.99 -20.02
N GLU B 155 -9.99 -1.44 -20.04
CA GLU B 155 -10.89 -1.71 -21.16
C GLU B 155 -10.12 -1.26 -22.41
N PRO B 156 -10.34 -1.95 -23.54
CA PRO B 156 -9.63 -1.57 -24.76
C PRO B 156 -10.22 -0.30 -25.37
N GLU B 157 -11.47 -0.01 -25.02
CA GLU B 157 -12.17 1.15 -25.55
C GLU B 157 -11.99 2.47 -24.80
N CYS B 158 -11.42 2.46 -23.61
CA CYS B 158 -11.18 3.71 -22.89
C CYS B 158 -9.67 3.92 -22.76
N ASN B 159 -8.90 2.91 -23.11
CA ASN B 159 -7.44 2.98 -22.99
C ASN B 159 -6.74 4.06 -23.81
N ILE B 160 -6.86 5.31 -23.36
CA ILE B 160 -6.24 6.41 -24.07
C ILE B 160 -4.72 6.31 -24.12
N PHE B 161 -4.16 5.19 -23.69
CA PHE B 161 -2.71 5.03 -23.70
C PHE B 161 -2.30 3.92 -24.67
N SER B 162 -3.30 3.32 -25.30
CA SER B 162 -3.10 2.23 -26.25
C SER B 162 -1.92 2.43 -27.20
N ASN B 163 -1.69 3.64 -27.67
CA ASN B 163 -0.58 3.85 -28.60
C ASN B 163 0.74 4.23 -27.96
N ILE B 164 1.03 3.68 -26.80
CA ILE B 164 2.28 3.99 -26.12
C ILE B 164 3.13 2.74 -25.88
N PRO B 165 4.43 2.82 -26.21
CA PRO B 165 5.33 1.67 -26.00
C PRO B 165 5.26 1.14 -24.56
N PRO B 166 5.63 -0.12 -24.35
CA PRO B 166 5.57 -0.71 -23.01
C PRO B 166 6.29 0.18 -21.99
N ASP B 167 7.55 0.49 -22.27
CA ASP B 167 8.34 1.32 -21.39
C ASP B 167 7.66 2.63 -21.02
N GLY B 168 6.85 3.15 -21.95
CA GLY B 168 6.15 4.40 -21.71
C GLY B 168 5.03 4.23 -20.71
N PHE B 169 4.16 3.27 -20.96
CA PHE B 169 3.04 3.01 -20.08
C PHE B 169 3.49 2.73 -18.65
N LYS B 170 4.65 2.09 -18.48
CA LYS B 170 5.15 1.81 -17.16
C LYS B 170 5.39 3.11 -16.41
N GLN B 171 6.23 3.96 -16.97
CA GLN B 171 6.55 5.24 -16.36
C GLN B 171 5.31 6.11 -16.07
N ILE B 172 4.29 6.03 -16.92
CA ILE B 172 3.08 6.82 -16.71
C ILE B 172 2.34 6.31 -15.48
N ARG B 173 2.02 5.02 -15.50
CA ARG B 173 1.30 4.36 -14.42
C ARG B 173 1.93 4.61 -13.05
N GLN B 174 3.24 4.40 -12.95
CA GLN B 174 3.94 4.62 -11.71
C GLN B 174 3.74 6.06 -11.24
N GLY B 175 3.85 6.99 -12.19
CA GLY B 175 3.68 8.40 -11.89
C GLY B 175 2.29 8.66 -11.35
N MET B 176 1.28 8.18 -12.06
CA MET B 176 -0.10 8.35 -11.64
C MET B 176 -0.40 7.76 -10.26
N ILE B 177 0.18 6.59 -9.96
CA ILE B 177 -0.02 5.97 -8.67
C ILE B 177 0.56 6.89 -7.61
N THR B 178 1.79 7.35 -7.85
CA THR B 178 2.43 8.26 -6.93
C THR B 178 1.56 9.51 -6.67
N LEU B 179 1.12 10.17 -7.74
CA LEU B 179 0.32 11.37 -7.54
C LEU B 179 -0.98 11.13 -6.81
N ILE B 180 -1.79 10.19 -7.30
CA ILE B 180 -3.06 9.92 -6.64
C ILE B 180 -2.90 9.51 -5.19
N LEU B 181 -1.91 8.67 -4.89
CA LEU B 181 -1.71 8.27 -3.50
C LEU B 181 -1.22 9.42 -2.64
N ALA B 182 -0.68 10.46 -3.26
CA ALA B 182 -0.16 11.61 -2.52
C ALA B 182 -1.23 12.61 -2.14
N THR B 183 -2.47 12.36 -2.55
CA THR B 183 -3.55 13.26 -2.24
C THR B 183 -4.15 12.95 -0.88
N ASP B 184 -3.72 11.85 -0.28
CA ASP B 184 -4.22 11.48 1.04
C ASP B 184 -3.62 12.44 2.08
N MET B 185 -4.44 13.34 2.60
CA MET B 185 -4.00 14.34 3.58
C MET B 185 -3.23 13.76 4.76
N ALA B 186 -3.42 12.47 5.03
CA ALA B 186 -2.69 11.87 6.12
C ALA B 186 -1.17 11.97 5.89
N ARG B 187 -0.75 12.13 4.63
CA ARG B 187 0.67 12.23 4.30
C ARG B 187 1.14 13.66 4.04
N HIS B 188 0.25 14.63 4.21
CA HIS B 188 0.60 16.02 3.98
C HIS B 188 1.90 16.52 4.60
N ALA B 189 2.03 16.40 5.91
CA ALA B 189 3.24 16.88 6.61
C ALA B 189 4.52 16.21 6.09
N GLU B 190 4.44 14.91 5.90
CA GLU B 190 5.55 14.11 5.40
C GLU B 190 5.98 14.63 4.03
N ILE B 191 5.03 14.75 3.11
CA ILE B 191 5.33 15.25 1.77
C ILE B 191 5.82 16.68 1.78
N MET B 192 5.20 17.54 2.58
CA MET B 192 5.63 18.93 2.65
C MET B 192 7.07 19.03 3.17
N ASP B 193 7.47 18.10 4.04
CA ASP B 193 8.83 18.11 4.57
C ASP B 193 9.85 17.71 3.51
N SER B 194 9.61 16.58 2.86
CA SER B 194 10.51 16.10 1.82
C SER B 194 10.71 17.20 0.80
N PHE B 195 9.63 17.93 0.52
CA PHE B 195 9.70 19.00 -0.47
C PHE B 195 10.51 20.17 0.04
N LYS B 196 10.17 20.68 1.21
CA LYS B 196 10.89 21.82 1.77
C LYS B 196 12.39 21.55 1.89
N GLU B 197 12.73 20.27 1.93
CA GLU B 197 14.12 19.86 2.01
C GLU B 197 14.77 20.00 0.63
N LYS B 198 14.29 19.21 -0.32
CA LYS B 198 14.81 19.27 -1.69
C LYS B 198 14.81 20.73 -2.13
N MET B 199 13.90 21.50 -1.56
CA MET B 199 13.74 22.91 -1.90
C MET B 199 14.90 23.77 -1.48
N GLU B 200 15.66 23.33 -0.47
CA GLU B 200 16.80 24.10 0.00
C GLU B 200 17.86 24.23 -1.11
N ASN B 201 17.73 23.41 -2.14
CA ASN B 201 18.66 23.42 -3.27
C ASN B 201 17.98 22.64 -4.39
N PHE B 202 16.82 23.14 -4.83
CA PHE B 202 16.06 22.45 -5.88
C PHE B 202 16.93 22.08 -7.06
N ASP B 203 16.43 21.18 -7.90
CA ASP B 203 17.22 20.72 -9.02
C ASP B 203 16.33 20.05 -10.06
N TYR B 204 15.82 20.83 -11.01
CA TYR B 204 14.94 20.30 -12.04
C TYR B 204 15.50 19.11 -12.80
N SER B 205 16.69 18.66 -12.42
CA SER B 205 17.37 17.52 -13.06
C SER B 205 17.13 16.27 -12.25
N ASN B 206 17.27 16.43 -10.94
CA ASN B 206 17.09 15.38 -9.94
C ASN B 206 15.68 14.80 -10.06
N GLU B 207 15.58 13.55 -10.50
CA GLU B 207 14.27 12.93 -10.68
C GLU B 207 13.43 12.90 -9.40
N GLU B 208 14.07 12.86 -8.24
CA GLU B 208 13.32 12.85 -6.97
C GLU B 208 12.81 14.24 -6.64
N HIS B 209 13.57 15.26 -7.02
CA HIS B 209 13.18 16.64 -6.80
C HIS B 209 11.90 16.91 -7.59
N MET B 210 11.85 16.37 -8.81
CA MET B 210 10.71 16.56 -9.70
C MET B 210 9.47 15.80 -9.28
N THR B 211 9.68 14.62 -8.70
CA THR B 211 8.58 13.78 -8.24
C THR B 211 7.85 14.51 -7.11
N LEU B 212 8.60 15.07 -6.18
CA LEU B 212 8.02 15.81 -5.08
C LEU B 212 7.31 17.05 -5.58
N LEU B 213 7.84 17.67 -6.63
CA LEU B 213 7.18 18.85 -7.17
C LEU B 213 5.85 18.46 -7.79
N LYS B 214 5.81 17.31 -8.46
CA LYS B 214 4.56 16.85 -9.08
C LYS B 214 3.56 16.46 -8.00
N MET B 215 4.05 15.92 -6.89
CA MET B 215 3.21 15.53 -5.76
C MET B 215 2.61 16.79 -5.12
N ILE B 216 3.42 17.84 -5.00
CA ILE B 216 3.00 19.10 -4.42
C ILE B 216 2.04 19.84 -5.38
N LEU B 217 2.26 19.68 -6.68
CA LEU B 217 1.40 20.35 -7.65
C LEU B 217 -0.02 19.80 -7.62
N ILE B 218 -0.14 18.47 -7.55
CA ILE B 218 -1.48 17.90 -7.55
C ILE B 218 -2.14 18.12 -6.19
N LYS B 219 -1.33 18.20 -5.14
CA LYS B 219 -1.88 18.47 -3.82
C LYS B 219 -2.46 19.90 -3.83
N CYS B 220 -1.72 20.83 -4.42
CA CYS B 220 -2.21 22.19 -4.52
C CYS B 220 -3.55 22.21 -5.23
N CYS B 221 -3.60 21.56 -6.39
CA CYS B 221 -4.84 21.54 -7.15
C CYS B 221 -5.99 20.80 -6.46
N ASP B 222 -5.68 19.79 -5.67
CA ASP B 222 -6.76 19.07 -5.01
C ASP B 222 -7.45 19.87 -3.91
N ILE B 223 -6.74 20.78 -3.24
CA ILE B 223 -7.37 21.55 -2.16
C ILE B 223 -7.33 23.04 -2.43
N SER B 224 -7.27 23.41 -3.71
CA SER B 224 -7.20 24.81 -4.12
C SER B 224 -8.51 25.60 -4.26
N ASN B 225 -9.61 25.16 -3.64
CA ASN B 225 -10.86 25.90 -3.79
C ASN B 225 -10.75 27.38 -3.42
N GLU B 226 -10.12 27.66 -2.29
CA GLU B 226 -9.95 29.02 -1.82
C GLU B 226 -9.07 29.90 -2.70
N VAL B 227 -8.49 29.32 -3.74
CA VAL B 227 -7.66 30.10 -4.66
C VAL B 227 -8.58 30.79 -5.65
N ARG B 228 -9.76 30.23 -5.85
CA ARG B 228 -10.72 30.79 -6.77
C ARG B 228 -11.46 31.97 -6.12
N PRO B 229 -12.25 32.71 -6.90
CA PRO B 229 -13.05 33.89 -6.51
C PRO B 229 -14.01 33.51 -5.37
N MET B 230 -14.29 34.48 -4.48
CA MET B 230 -15.17 34.24 -3.37
C MET B 230 -16.45 33.45 -3.63
N GLU B 231 -17.26 33.75 -4.64
CA GLU B 231 -18.43 32.85 -4.77
C GLU B 231 -18.18 31.64 -5.65
N VAL B 232 -16.98 31.45 -6.17
CA VAL B 232 -16.80 30.20 -6.88
C VAL B 232 -16.41 29.28 -5.74
N ALA B 233 -15.65 29.82 -4.77
CA ALA B 233 -15.16 29.07 -3.62
C ALA B 233 -16.15 28.75 -2.50
N GLU B 234 -16.83 29.76 -1.97
CA GLU B 234 -17.78 29.56 -0.86
C GLU B 234 -18.70 28.35 -0.98
N PRO B 235 -19.40 28.21 -2.11
CA PRO B 235 -20.28 27.05 -2.24
C PRO B 235 -19.57 25.72 -1.93
N TRP B 236 -18.32 25.58 -2.38
CA TRP B 236 -17.56 24.37 -2.13
C TRP B 236 -17.45 24.02 -0.65
N VAL B 237 -17.21 25.02 0.19
CA VAL B 237 -17.08 24.77 1.63
C VAL B 237 -18.37 24.18 2.13
N ASP B 238 -19.47 24.61 1.53
CA ASP B 238 -20.77 24.11 1.94
C ASP B 238 -20.96 22.68 1.50
N CYS B 239 -20.57 22.37 0.27
CA CYS B 239 -20.72 21.01 -0.24
C CYS B 239 -19.87 20.00 0.56
N LEU B 240 -18.72 20.45 1.06
CA LEU B 240 -17.87 19.56 1.83
C LEU B 240 -18.49 19.28 3.20
N LEU B 241 -19.08 20.29 3.84
CA LEU B 241 -19.69 20.07 5.13
C LEU B 241 -20.95 19.21 4.99
N GLU B 242 -21.67 19.39 3.88
CA GLU B 242 -22.88 18.59 3.69
C GLU B 242 -22.49 17.13 3.68
N GLU B 243 -21.36 16.84 3.06
CA GLU B 243 -20.87 15.48 2.98
C GLU B 243 -20.34 15.03 4.34
N TYR B 244 -19.64 15.93 5.02
CA TYR B 244 -19.09 15.61 6.33
C TYR B 244 -20.19 15.32 7.35
N PHE B 245 -21.18 16.20 7.47
CA PHE B 245 -22.28 15.99 8.41
C PHE B 245 -22.99 14.67 8.07
N MET B 246 -22.99 14.34 6.79
CA MET B 246 -23.61 13.11 6.32
C MET B 246 -22.81 11.93 6.89
N GLN B 247 -21.52 12.14 7.12
CA GLN B 247 -20.67 11.09 7.67
C GLN B 247 -20.78 11.02 9.19
N SER B 248 -20.84 12.17 9.86
CA SER B 248 -20.93 12.17 11.31
C SER B 248 -22.29 11.67 11.78
N ASP B 249 -23.36 12.04 11.07
CA ASP B 249 -24.69 11.57 11.45
C ASP B 249 -24.66 10.04 11.44
N ARG B 250 -24.10 9.47 10.37
CA ARG B 250 -23.99 8.02 10.25
C ARG B 250 -23.06 7.42 11.31
N GLU B 251 -22.07 8.18 11.72
CA GLU B 251 -21.15 7.68 12.73
C GLU B 251 -21.83 7.69 14.08
N LYS B 252 -22.45 8.81 14.43
CA LYS B 252 -23.14 8.90 15.70
C LYS B 252 -24.14 7.75 15.79
N SER B 253 -24.91 7.58 14.73
CA SER B 253 -25.88 6.49 14.67
C SER B 253 -25.24 5.12 14.90
N GLU B 254 -24.15 4.83 14.18
CA GLU B 254 -23.49 3.54 14.31
C GLU B 254 -22.59 3.47 15.53
N GLY B 255 -22.51 4.58 16.26
CA GLY B 255 -21.70 4.61 17.47
C GLY B 255 -20.21 4.70 17.29
N LEU B 256 -19.77 5.27 16.16
CA LEU B 256 -18.34 5.42 15.88
C LEU B 256 -17.92 6.83 16.27
N PRO B 257 -16.63 7.04 16.58
CA PRO B 257 -16.15 8.37 16.97
C PRO B 257 -16.38 9.40 15.87
N VAL B 258 -16.54 10.66 16.26
CA VAL B 258 -16.78 11.75 15.31
C VAL B 258 -15.70 12.82 15.34
N ALA B 259 -15.22 13.21 14.16
CA ALA B 259 -14.20 14.24 14.07
C ALA B 259 -14.88 15.56 14.45
N PRO B 260 -14.16 16.43 15.16
CA PRO B 260 -14.79 17.70 15.54
C PRO B 260 -15.24 18.53 14.34
N PHE B 261 -14.40 18.62 13.30
CA PHE B 261 -14.76 19.41 12.13
C PHE B 261 -15.93 18.86 11.34
N MET B 262 -16.51 17.78 11.82
CA MET B 262 -17.68 17.18 11.16
C MET B 262 -18.86 17.19 12.12
N ASP B 263 -18.67 17.78 13.29
CA ASP B 263 -19.71 17.86 14.32
C ASP B 263 -20.46 19.19 14.18
N ARG B 264 -21.76 19.09 13.91
CA ARG B 264 -22.61 20.28 13.74
C ARG B 264 -22.51 21.23 14.93
N ASP B 265 -22.34 20.67 16.13
CA ASP B 265 -22.26 21.49 17.33
C ASP B 265 -20.87 22.01 17.62
N LYS B 266 -19.95 21.86 16.66
CA LYS B 266 -18.59 22.32 16.88
C LYS B 266 -17.98 23.10 15.72
N VAL B 267 -18.20 22.61 14.51
CA VAL B 267 -17.62 23.25 13.35
C VAL B 267 -18.35 24.48 12.88
N THR B 268 -17.59 25.50 12.50
CA THR B 268 -18.14 26.75 11.97
C THR B 268 -17.24 27.01 10.77
N LYS B 269 -17.84 27.33 9.62
CA LYS B 269 -17.05 27.59 8.44
C LYS B 269 -15.89 28.54 8.73
N ALA B 270 -16.18 29.60 9.47
CA ALA B 270 -15.17 30.59 9.81
C ALA B 270 -13.90 30.00 10.40
N THR B 271 -14.02 29.50 11.63
CA THR B 271 -12.89 28.91 12.32
C THR B 271 -12.19 27.86 11.48
N ALA B 272 -12.97 26.98 10.85
CA ALA B 272 -12.40 25.92 10.01
C ALA B 272 -11.46 26.45 8.93
N GLN B 273 -11.99 27.24 8.01
CA GLN B 273 -11.16 27.77 6.94
C GLN B 273 -10.01 28.67 7.39
N ILE B 274 -10.05 29.18 8.62
CA ILE B 274 -8.96 30.04 9.09
C ILE B 274 -7.73 29.16 9.30
N GLY B 275 -7.90 28.12 10.10
CA GLY B 275 -6.80 27.23 10.36
C GLY B 275 -6.32 26.57 9.08
N PHE B 276 -7.26 26.07 8.29
CA PHE B 276 -6.91 25.40 7.05
C PHE B 276 -6.13 26.28 6.09
N ILE B 277 -6.49 27.56 6.04
CA ILE B 277 -5.83 28.48 5.15
C ILE B 277 -4.47 28.92 5.67
N LYS B 278 -4.41 29.21 6.96
CA LYS B 278 -3.17 29.67 7.57
C LYS B 278 -2.11 28.60 7.72
N PHE B 279 -2.53 27.42 8.17
CA PHE B 279 -1.59 26.35 8.40
C PHE B 279 -1.45 25.26 7.31
N VAL B 280 -2.35 25.21 6.34
CA VAL B 280 -2.22 24.20 5.30
C VAL B 280 -2.03 24.83 3.92
N LEU B 281 -2.99 25.64 3.47
CA LEU B 281 -2.90 26.25 2.14
C LEU B 281 -1.77 27.22 1.88
N ILE B 282 -1.78 28.37 2.57
CA ILE B 282 -0.76 29.40 2.39
C ILE B 282 0.68 28.89 2.50
N PRO B 283 0.98 28.11 3.53
CA PRO B 283 2.35 27.60 3.68
C PRO B 283 2.81 26.78 2.45
N MET B 284 1.93 25.94 1.92
CA MET B 284 2.26 25.10 0.77
C MET B 284 2.45 25.91 -0.51
N PHE B 285 1.61 26.92 -0.71
CA PHE B 285 1.76 27.74 -1.90
C PHE B 285 2.95 28.68 -1.79
N GLU B 286 3.26 29.15 -0.58
CA GLU B 286 4.40 30.03 -0.41
C GLU B 286 5.68 29.31 -0.88
N THR B 287 5.77 28.04 -0.55
CA THR B 287 6.93 27.23 -0.92
C THR B 287 6.97 27.04 -2.44
N VAL B 288 5.81 26.78 -3.02
CA VAL B 288 5.74 26.60 -4.46
C VAL B 288 6.09 27.89 -5.17
N THR B 289 5.78 29.02 -4.53
CA THR B 289 6.06 30.33 -5.08
C THR B 289 7.56 30.63 -5.15
N LYS B 290 8.36 29.91 -4.37
CA LYS B 290 9.80 30.12 -4.43
C LYS B 290 10.31 29.67 -5.79
N LEU B 291 9.76 28.57 -6.31
CA LEU B 291 10.17 28.07 -7.62
C LEU B 291 9.48 28.88 -8.72
N PHE B 292 8.20 29.16 -8.53
CA PHE B 292 7.44 29.91 -9.53
C PHE B 292 6.92 31.22 -8.95
N PRO B 293 7.76 32.27 -8.97
CA PRO B 293 7.34 33.57 -8.44
C PRO B 293 5.99 34.10 -8.92
N MET B 294 5.59 33.79 -10.15
CA MET B 294 4.32 34.28 -10.67
C MET B 294 3.09 33.74 -9.93
N VAL B 295 3.28 32.71 -9.12
CA VAL B 295 2.18 32.12 -8.37
C VAL B 295 1.69 33.05 -7.27
N GLU B 296 2.60 33.82 -6.69
CA GLU B 296 2.26 34.74 -5.61
C GLU B 296 1.12 35.69 -5.94
N GLU B 297 1.16 36.27 -7.13
CA GLU B 297 0.14 37.22 -7.54
C GLU B 297 -1.20 36.60 -7.91
N ILE B 298 -1.16 35.45 -8.57
CA ILE B 298 -2.37 34.77 -9.02
C ILE B 298 -3.03 33.83 -8.03
N MET B 299 -2.25 33.26 -7.10
CA MET B 299 -2.84 32.31 -6.16
C MET B 299 -2.68 32.62 -4.68
N LEU B 300 -1.53 33.17 -4.28
CA LEU B 300 -1.31 33.52 -2.89
C LEU B 300 -2.20 34.69 -2.54
N GLN B 301 -2.28 35.62 -3.48
CA GLN B 301 -3.09 36.81 -3.33
C GLN B 301 -4.51 36.43 -2.86
N PRO B 302 -5.27 35.71 -3.71
CA PRO B 302 -6.63 35.32 -3.30
C PRO B 302 -6.69 34.51 -2.00
N LEU B 303 -5.63 33.76 -1.71
CA LEU B 303 -5.59 32.97 -0.48
C LEU B 303 -5.43 33.86 0.74
N TRP B 304 -4.60 34.90 0.63
CA TRP B 304 -4.44 35.82 1.76
C TRP B 304 -5.77 36.53 2.03
N GLU B 305 -6.46 36.88 0.95
CA GLU B 305 -7.75 37.56 1.05
C GLU B 305 -8.77 36.61 1.64
N SER B 306 -8.67 35.34 1.26
CA SER B 306 -9.60 34.35 1.78
C SER B 306 -9.39 34.26 3.29
N ARG B 307 -8.14 34.17 3.71
CA ARG B 307 -7.83 34.07 5.13
C ARG B 307 -8.42 35.26 5.88
N ASP B 308 -8.02 36.46 5.48
CA ASP B 308 -8.50 37.66 6.13
C ASP B 308 -10.01 37.73 6.16
N ARG B 309 -10.63 37.44 5.04
CA ARG B 309 -12.07 37.50 5.00
C ARG B 309 -12.66 36.60 6.06
N TYR B 310 -12.17 35.37 6.15
CA TYR B 310 -12.67 34.43 7.13
C TYR B 310 -12.37 34.85 8.55
N GLU B 311 -11.29 35.58 8.75
CA GLU B 311 -10.96 36.02 10.10
C GLU B 311 -11.98 37.08 10.49
N GLU B 312 -12.28 37.95 9.55
CA GLU B 312 -13.24 39.01 9.77
C GLU B 312 -14.61 38.38 9.98
N LEU B 313 -14.85 37.27 9.29
CA LEU B 313 -16.12 36.58 9.40
C LEU B 313 -16.27 35.90 10.76
N LYS B 314 -15.16 35.53 11.38
CA LYS B 314 -15.22 34.88 12.68
C LYS B 314 -15.54 35.87 13.80
N ARG B 315 -15.01 37.09 13.66
CA ARG B 315 -15.26 38.15 14.63
C ARG B 315 -16.75 38.37 14.69
N ILE B 316 -17.34 38.55 13.52
CA ILE B 316 -18.77 38.74 13.38
C ILE B 316 -19.48 37.63 14.14
N ASP B 317 -19.08 36.39 13.87
CA ASP B 317 -19.68 35.23 14.53
C ASP B 317 -19.51 35.20 16.04
N ASP B 318 -18.39 35.71 16.55
CA ASP B 318 -18.19 35.73 17.99
C ASP B 318 -19.15 36.76 18.59
N ALA B 319 -19.11 37.97 18.04
CA ALA B 319 -19.97 39.05 18.48
C ALA B 319 -21.42 38.63 18.44
N MET B 320 -21.86 38.15 17.28
CA MET B 320 -23.22 37.72 17.09
C MET B 320 -23.67 36.71 18.15
N LYS B 321 -22.80 35.76 18.48
CA LYS B 321 -23.15 34.75 19.48
C LYS B 321 -23.16 35.32 20.89
N GLU B 322 -22.21 36.21 21.18
CA GLU B 322 -22.16 36.84 22.49
C GLU B 322 -23.48 37.57 22.75
N LEU B 323 -24.00 38.20 21.71
CA LEU B 323 -25.26 38.93 21.78
C LEU B 323 -26.43 38.02 22.10
N GLN B 324 -26.16 36.72 22.16
CA GLN B 324 -27.22 35.76 22.42
C GLN B 324 -27.07 34.92 23.68
N LYS B 325 -26.06 35.21 24.49
CA LYS B 325 -25.86 34.47 25.73
C LYS B 325 -25.91 35.40 26.95
N LYS B 326 -25.03 36.29 27.04
#